data_6F49
#
_entry.id   6F49
#
_cell.length_a   75.310
_cell.length_b   108.540
_cell.length_c   109.450
_cell.angle_alpha   90.00
_cell.angle_beta   90.00
_cell.angle_gamma   90.00
#
_symmetry.space_group_name_H-M   'P 21 21 21'
#
loop_
_entity.id
_entity.type
_entity.pdbx_description
1 polymer 'Lipoprotein-releasing system transmembrane protein LolC,Lipoprotein-releasing system transmembrane protein LolC'
2 non-polymer GLYCEROL
3 non-polymer 1-METHOXY-2-[2-(2-METHOXY-ETHOXY]-ETHANE
4 water water
#
_entity_poly.entity_id   1
_entity_poly.type   'polypeptide(L)'
_entity_poly.pdbx_seq_one_letter_code
;MNGFERELQNNILGLMPQAILSSEHGSLNPQQLPETAVKLDGVNRVAPITTGDVVLQSARSVAVGVMLGIDPAQKDPLTP
YLVNVKQTDLEPGKYNVILGEQLASQLGVNRGDQIRVMVGASQRLFNVIGTFAANSEVDGYEMLVNIEDASRLMRYPAGN
ITGWRLWLDEPLKVDSLSQQKLPEGSKWQDWRDRKGELFQAVRMEKNMAAALEHHHHHH
;
_entity_poly.pdbx_strand_id   A,B,C,D
#
# COMPACT_ATOMS: atom_id res chain seq x y z
N MET A 1 -7.13 -25.35 -38.23
CA MET A 1 -5.72 -25.33 -37.72
C MET A 1 -5.70 -25.54 -36.16
N ASN A 2 -5.33 -26.75 -35.75
CA ASN A 2 -4.96 -26.97 -34.39
C ASN A 2 -3.71 -26.11 -34.21
N GLY A 3 -2.96 -25.79 -35.29
CA GLY A 3 -1.82 -24.78 -35.24
C GLY A 3 -2.22 -23.41 -34.63
N PHE A 4 -3.31 -22.84 -35.15
CA PHE A 4 -3.87 -21.60 -34.69
C PHE A 4 -4.24 -21.78 -33.19
N GLU A 5 -4.91 -22.90 -32.88
CA GLU A 5 -5.38 -23.18 -31.53
C GLU A 5 -4.26 -23.37 -30.55
N ARG A 6 -3.25 -24.15 -30.95
CA ARG A 6 -2.09 -24.38 -30.09
C ARG A 6 -1.38 -23.07 -29.79
N GLU A 7 -1.23 -22.25 -30.83
CA GLU A 7 -0.51 -20.96 -30.70
C GLU A 7 -1.27 -19.98 -29.82
N LEU A 8 -2.58 -19.90 -30.03
CA LEU A 8 -3.44 -19.08 -29.20
C LEU A 8 -3.27 -19.48 -27.71
N GLN A 9 -3.34 -20.79 -27.45
CA GLN A 9 -3.24 -21.30 -26.08
C GLN A 9 -1.91 -21.07 -25.41
N ASN A 10 -0.84 -21.42 -26.12
CA ASN A 10 0.51 -21.38 -25.57
C ASN A 10 1.11 -19.98 -25.50
N ASN A 11 0.89 -19.17 -26.52
CA ASN A 11 1.58 -17.88 -26.63
C ASN A 11 0.83 -16.70 -26.05
N ILE A 12 -0.48 -16.85 -25.82
CA ILE A 12 -1.31 -15.75 -25.32
C ILE A 12 -2.07 -16.16 -24.06
N LEU A 13 -2.97 -17.14 -24.20
CA LEU A 13 -3.78 -17.62 -23.05
C LEU A 13 -2.99 -18.19 -21.89
N GLY A 14 -1.82 -18.75 -22.18
CA GLY A 14 -0.91 -19.22 -21.16
C GLY A 14 -0.33 -18.13 -20.26
N LEU A 15 -0.35 -16.86 -20.70
CA LEU A 15 0.34 -15.76 -20.00
C LEU A 15 -0.60 -14.69 -19.45
N MET A 16 -1.91 -14.93 -19.57
CA MET A 16 -2.93 -14.04 -19.07
C MET A 16 -3.92 -14.87 -18.26
N PRO A 17 -4.75 -14.22 -17.43
CA PRO A 17 -5.84 -14.92 -16.72
C PRO A 17 -6.83 -15.52 -17.74
N GLN A 18 -6.90 -16.84 -17.73
CA GLN A 18 -7.83 -17.57 -18.58
C GLN A 18 -9.29 -17.38 -18.18
N ALA A 19 -9.52 -17.44 -16.88
CA ALA A 19 -10.82 -17.15 -16.32
C ALA A 19 -10.64 -16.74 -14.89
N ILE A 20 -11.62 -16.00 -14.37
CA ILE A 20 -11.63 -15.56 -12.98
C ILE A 20 -13.01 -15.80 -12.38
N LEU A 21 -13.03 -16.40 -11.20
CA LEU A 21 -14.24 -16.54 -10.41
C LEU A 21 -14.25 -15.41 -9.42
N SER A 22 -15.15 -14.48 -9.65
CA SER A 22 -15.23 -13.25 -8.88
C SER A 22 -16.58 -13.21 -8.18
N SER A 23 -16.77 -12.13 -7.43
CA SER A 23 -18.01 -11.92 -6.72
C SER A 23 -19.05 -11.35 -7.67
N GLU A 24 -20.30 -11.70 -7.46
CA GLU A 24 -21.39 -11.01 -8.19
C GLU A 24 -21.40 -9.52 -7.83
N HIS A 25 -21.19 -9.19 -6.56
CA HIS A 25 -21.30 -7.83 -6.05
C HIS A 25 -19.95 -7.40 -5.46
N GLY A 26 -19.30 -6.47 -6.13
CA GLY A 26 -18.07 -5.82 -5.66
C GLY A 26 -16.85 -6.72 -5.79
N SER A 27 -15.96 -6.63 -4.80
CA SER A 27 -14.79 -7.48 -4.71
C SER A 27 -15.11 -8.76 -3.95
N LEU A 28 -14.17 -9.69 -3.94
CA LEU A 28 -14.38 -10.96 -3.30
C LEU A 28 -13.67 -10.99 -1.96
N ASN A 29 -14.37 -11.48 -0.94
CA ASN A 29 -13.77 -11.67 0.38
C ASN A 29 -13.34 -13.12 0.50
N PRO A 30 -12.03 -13.40 0.53
CA PRO A 30 -11.60 -14.81 0.55
C PRO A 30 -11.92 -15.56 1.82
N GLN A 31 -12.32 -14.88 2.89
CA GLN A 31 -12.85 -15.55 4.08
C GLN A 31 -14.31 -16.01 3.85
N GLN A 32 -15.05 -15.30 3.01
CA GLN A 32 -16.42 -15.66 2.68
C GLN A 32 -16.46 -16.72 1.56
N LEU A 33 -15.58 -16.62 0.55
CA LEU A 33 -15.48 -17.65 -0.50
C LEU A 33 -13.99 -18.03 -0.58
N PRO A 34 -13.54 -18.94 0.30
CA PRO A 34 -12.15 -19.36 0.30
C PRO A 34 -11.77 -20.25 -0.86
N GLU A 35 -10.46 -20.32 -1.09
CA GLU A 35 -9.91 -21.04 -2.19
C GLU A 35 -10.36 -22.49 -2.21
N THR A 36 -10.47 -23.09 -1.03
CA THR A 36 -10.91 -24.47 -0.91
C THR A 36 -12.35 -24.67 -1.35
N ALA A 37 -13.18 -23.64 -1.36
CA ALA A 37 -14.55 -23.78 -1.88
C ALA A 37 -14.67 -23.63 -3.42
N VAL A 38 -13.57 -23.37 -4.11
CA VAL A 38 -13.59 -23.30 -5.56
C VAL A 38 -13.38 -24.69 -6.13
N LYS A 39 -14.45 -25.39 -6.42
CA LYS A 39 -14.37 -26.76 -6.99
C LYS A 39 -15.09 -26.80 -8.31
N LEU A 40 -14.38 -26.57 -9.38
CA LEU A 40 -15.02 -26.40 -10.68
C LEU A 40 -14.58 -27.46 -11.66
N ASP A 41 -15.41 -27.84 -12.61
CA ASP A 41 -14.98 -28.74 -13.69
C ASP A 41 -14.06 -28.03 -14.64
N GLY A 42 -13.05 -28.76 -15.10
CA GLY A 42 -12.15 -28.29 -16.15
C GLY A 42 -11.10 -27.32 -15.66
N VAL A 43 -10.95 -27.19 -14.32
CA VAL A 43 -10.07 -26.24 -13.72
C VAL A 43 -8.95 -27.02 -13.05
N ASN A 44 -7.71 -26.74 -13.41
CA ASN A 44 -6.60 -27.50 -12.80
C ASN A 44 -5.82 -26.72 -11.76
N ARG A 45 -6.11 -25.44 -11.58
CA ARG A 45 -5.37 -24.61 -10.63
C ARG A 45 -6.14 -23.33 -10.36
N VAL A 46 -6.05 -22.87 -9.13
CA VAL A 46 -6.71 -21.70 -8.61
C VAL A 46 -5.65 -20.86 -7.86
N ALA A 47 -5.66 -19.53 -8.04
CA ALA A 47 -4.77 -18.61 -7.28
C ALA A 47 -5.49 -17.29 -7.08
N PRO A 48 -5.17 -16.57 -6.00
CA PRO A 48 -5.76 -15.25 -5.82
C PRO A 48 -5.23 -14.24 -6.85
N ILE A 49 -6.10 -13.29 -7.22
CA ILE A 49 -5.70 -12.21 -8.06
C ILE A 49 -6.51 -10.94 -7.81
N THR A 50 -5.84 -9.81 -7.93
CA THR A 50 -6.50 -8.53 -8.08
C THR A 50 -6.06 -7.97 -9.41
N THR A 51 -7.00 -7.62 -10.25
CA THR A 51 -6.67 -7.23 -11.62
C THR A 51 -7.68 -6.27 -12.19
N GLY A 52 -7.24 -5.44 -13.11
CA GLY A 52 -8.11 -4.57 -13.86
C GLY A 52 -7.31 -3.74 -14.83
N ASP A 53 -7.99 -3.05 -15.73
CA ASP A 53 -7.29 -2.09 -16.60
C ASP A 53 -6.81 -0.90 -15.76
N VAL A 54 -5.63 -0.41 -16.09
CA VAL A 54 -5.05 0.76 -15.45
C VAL A 54 -4.57 1.74 -16.50
N VAL A 55 -4.67 3.02 -16.22
CA VAL A 55 -4.03 4.03 -17.05
C VAL A 55 -2.70 4.35 -16.41
N LEU A 56 -1.67 4.36 -17.25
CA LEU A 56 -0.28 4.57 -16.80
C LEU A 56 0.25 5.84 -17.40
N GLN A 57 0.95 6.62 -16.57
CA GLN A 57 1.65 7.81 -17.03
C GLN A 57 3.04 7.80 -16.46
N SER A 58 4.02 7.81 -17.34
CA SER A 58 5.43 8.06 -16.96
C SER A 58 5.78 9.53 -17.20
N ALA A 59 7.02 9.87 -17.01
CA ALA A 59 7.55 11.16 -17.43
C ALA A 59 7.47 11.41 -18.92
N ARG A 60 7.44 10.37 -19.75
CA ARG A 60 7.46 10.58 -21.20
C ARG A 60 6.20 10.20 -21.95
N SER A 61 5.36 9.31 -21.41
CA SER A 61 4.22 8.83 -22.21
C SER A 61 3.14 8.26 -21.34
N VAL A 62 2.13 7.72 -22.01
CA VAL A 62 0.95 7.17 -21.41
C VAL A 62 0.62 5.84 -22.06
N ALA A 63 -0.13 5.02 -21.34
CA ALA A 63 -0.57 3.73 -21.84
C ALA A 63 -1.72 3.16 -21.03
N VAL A 64 -2.40 2.19 -21.62
CA VAL A 64 -3.34 1.34 -20.90
C VAL A 64 -2.64 0.02 -20.57
N GLY A 65 -2.61 -0.34 -19.31
CA GLY A 65 -2.11 -1.66 -18.89
C GLY A 65 -3.14 -2.59 -18.30
N VAL A 66 -2.75 -3.86 -18.18
CA VAL A 66 -3.50 -4.81 -17.40
C VAL A 66 -2.69 -5.15 -16.18
N MET A 67 -3.17 -4.72 -15.02
CA MET A 67 -2.50 -4.94 -13.74
C MET A 67 -2.82 -6.34 -13.25
N LEU A 68 -1.78 -7.13 -13.03
CA LEU A 68 -1.88 -8.44 -12.41
C LEU A 68 -1.32 -8.33 -10.99
N GLY A 69 -2.23 -8.20 -10.02
CA GLY A 69 -1.90 -8.24 -8.59
C GLY A 69 -1.83 -9.64 -8.10
N ILE A 70 -0.63 -10.09 -7.77
CA ILE A 70 -0.36 -11.48 -7.47
C ILE A 70 0.27 -11.62 -6.08
N ASP A 71 0.11 -12.81 -5.52
CA ASP A 71 0.87 -13.25 -4.38
C ASP A 71 2.28 -13.51 -4.92
N PRO A 72 3.27 -12.66 -4.55
CA PRO A 72 4.64 -12.77 -5.10
C PRO A 72 5.33 -14.10 -4.79
N ALA A 73 4.88 -14.76 -3.74
CA ALA A 73 5.39 -16.09 -3.36
C ALA A 73 4.90 -17.23 -4.25
N GLN A 74 3.86 -17.04 -5.05
CA GLN A 74 3.43 -18.11 -5.98
C GLN A 74 4.01 -17.86 -7.38
N LYS A 75 4.43 -18.92 -8.02
CA LYS A 75 4.86 -18.90 -9.41
C LYS A 75 3.67 -18.50 -10.31
N ASP A 76 3.89 -17.52 -11.17
CA ASP A 76 2.97 -17.08 -12.20
C ASP A 76 3.51 -17.62 -13.52
N PRO A 77 2.64 -17.80 -14.52
CA PRO A 77 3.18 -18.15 -15.83
C PRO A 77 4.29 -17.20 -16.35
N LEU A 78 4.27 -15.92 -15.93
CA LEU A 78 5.27 -14.96 -16.35
C LEU A 78 6.58 -15.05 -15.55
N THR A 79 6.59 -15.75 -14.43
CA THR A 79 7.76 -15.82 -13.54
C THR A 79 9.04 -16.22 -14.26
N PRO A 80 8.99 -17.25 -15.12
CA PRO A 80 10.22 -17.62 -15.86
C PRO A 80 10.68 -16.60 -16.86
N TYR A 81 9.86 -15.61 -17.20
CA TYR A 81 10.26 -14.57 -18.15
C TYR A 81 10.76 -13.28 -17.53
N LEU A 82 10.87 -13.22 -16.21
CA LEU A 82 11.38 -12.01 -15.54
C LEU A 82 12.80 -11.75 -15.96
N VAL A 83 13.13 -10.49 -16.19
CA VAL A 83 14.48 -10.13 -16.61
C VAL A 83 15.22 -9.54 -15.43
N ASN A 84 16.13 -10.32 -14.83
CA ASN A 84 17.08 -9.83 -13.82
C ASN A 84 16.34 -9.11 -12.70
N VAL A 85 15.28 -9.74 -12.20
CA VAL A 85 14.51 -9.19 -11.08
C VAL A 85 13.79 -10.34 -10.39
N LYS A 86 13.72 -10.29 -9.08
CA LYS A 86 13.04 -11.31 -8.31
C LYS A 86 11.59 -10.93 -8.07
N GLN A 87 10.71 -11.89 -8.31
CA GLN A 87 9.30 -11.63 -8.10
C GLN A 87 9.00 -11.26 -6.63
N THR A 88 9.76 -11.86 -5.71
CA THR A 88 9.59 -11.54 -4.28
C THR A 88 9.95 -10.11 -3.89
N ASP A 89 10.58 -9.34 -4.77
CA ASP A 89 10.72 -7.89 -4.54
C ASP A 89 9.38 -7.13 -4.63
N LEU A 90 8.31 -7.76 -5.13
CA LEU A 90 6.96 -7.18 -5.04
C LEU A 90 6.40 -7.34 -3.62
N GLU A 91 7.03 -6.66 -2.66
CA GLU A 91 6.59 -6.78 -1.25
C GLU A 91 5.38 -5.90 -1.00
N PRO A 92 4.42 -6.36 -0.18
CA PRO A 92 3.26 -5.54 0.06
C PRO A 92 3.61 -4.24 0.77
N GLY A 93 3.00 -3.15 0.33
CA GLY A 93 3.29 -1.83 0.81
C GLY A 93 4.51 -1.13 0.21
N LYS A 94 5.22 -1.78 -0.71
CA LYS A 94 6.30 -1.12 -1.43
C LYS A 94 5.86 -0.47 -2.72
N TYR A 95 4.73 -0.88 -3.26
CA TYR A 95 4.25 -0.32 -4.54
C TYR A 95 5.27 -0.47 -5.65
N ASN A 96 5.93 -1.63 -5.70
CA ASN A 96 6.79 -1.94 -6.83
C ASN A 96 5.95 -2.48 -8.00
N VAL A 97 6.51 -2.36 -9.19
CA VAL A 97 5.92 -2.93 -10.41
C VAL A 97 6.98 -3.51 -11.34
N ILE A 98 6.64 -4.66 -11.91
CA ILE A 98 7.40 -5.29 -12.98
C ILE A 98 6.58 -5.17 -14.28
N LEU A 99 7.10 -4.42 -15.24
CA LEU A 99 6.37 -4.13 -16.47
C LEU A 99 6.71 -5.08 -17.60
N GLY A 100 5.75 -5.38 -18.47
CA GLY A 100 6.10 -6.00 -19.76
C GLY A 100 7.19 -5.15 -20.43
N GLU A 101 8.19 -5.80 -21.00
CA GLU A 101 9.33 -5.10 -21.60
C GLU A 101 8.92 -4.05 -22.63
N GLN A 102 7.92 -4.37 -23.45
N GLN A 102 7.92 -4.37 -23.45
CA GLN A 102 7.48 -3.43 -24.50
CA GLN A 102 7.48 -3.43 -24.50
C GLN A 102 6.68 -2.28 -23.92
C GLN A 102 6.68 -2.28 -23.93
N LEU A 103 5.80 -2.57 -22.97
CA LEU A 103 5.14 -1.50 -22.18
C LEU A 103 6.15 -0.49 -21.59
N ALA A 104 7.21 -1.04 -21.00
CA ALA A 104 8.25 -0.21 -20.37
C ALA A 104 8.93 0.68 -21.39
N SER A 105 9.25 0.08 -22.55
CA SER A 105 9.91 0.78 -23.62
C SER A 105 9.05 1.91 -24.16
N GLN A 106 7.77 1.65 -24.35
CA GLN A 106 6.84 2.66 -24.85
C GLN A 106 6.59 3.80 -23.84
N LEU A 107 6.67 3.48 -22.56
CA LEU A 107 6.61 4.52 -21.54
C LEU A 107 7.95 5.25 -21.36
N GLY A 108 9.03 4.75 -21.98
CA GLY A 108 10.35 5.33 -21.81
C GLY A 108 10.86 5.26 -20.38
N VAL A 109 10.55 4.17 -19.66
CA VAL A 109 11.01 4.04 -18.28
C VAL A 109 12.07 2.99 -18.14
N ASN A 110 12.84 3.14 -17.08
CA ASN A 110 13.77 2.14 -16.64
C ASN A 110 13.57 1.93 -15.16
N ARG A 111 14.10 0.82 -14.67
CA ARG A 111 14.02 0.50 -13.26
C ARG A 111 14.64 1.60 -12.46
N GLY A 112 14.00 1.93 -11.35
CA GLY A 112 14.34 3.11 -10.56
C GLY A 112 13.40 4.27 -10.84
N ASP A 113 12.69 4.28 -11.98
CA ASP A 113 11.72 5.33 -12.23
C ASP A 113 10.40 5.01 -11.55
N GLN A 114 9.57 6.05 -11.43
CA GLN A 114 8.18 5.85 -11.01
C GLN A 114 7.22 6.06 -12.15
N ILE A 115 6.05 5.44 -12.04
CA ILE A 115 4.98 5.71 -12.95
C ILE A 115 3.71 5.90 -12.15
N ARG A 116 2.84 6.76 -12.67
CA ARG A 116 1.55 6.98 -12.09
C ARG A 116 0.60 5.93 -12.64
N VAL A 117 -0.11 5.27 -11.75
CA VAL A 117 -1.01 4.17 -12.08
C VAL A 117 -2.42 4.58 -11.61
N MET A 118 -3.36 4.62 -12.52
CA MET A 118 -4.70 5.18 -12.27
C MET A 118 -5.81 4.22 -12.61
N VAL A 119 -6.80 4.12 -11.73
CA VAL A 119 -8.04 3.39 -11.95
C VAL A 119 -9.11 4.40 -11.56
N GLY A 120 -9.74 5.02 -12.55
CA GLY A 120 -10.59 6.21 -12.35
C GLY A 120 -9.91 7.27 -11.52
N ALA A 121 -10.54 7.67 -10.43
CA ALA A 121 -9.99 8.67 -9.52
C ALA A 121 -8.89 8.17 -8.61
N SER A 122 -8.80 6.86 -8.41
CA SER A 122 -7.77 6.29 -7.55
C SER A 122 -6.42 6.31 -8.30
N GLN A 123 -5.41 6.99 -7.75
CA GLN A 123 -4.09 6.99 -8.32
C GLN A 123 -2.97 6.81 -7.34
N ARG A 124 -1.92 6.12 -7.78
CA ARG A 124 -0.75 5.83 -6.94
C ARG A 124 0.52 5.78 -7.80
N LEU A 125 1.61 6.26 -7.24
CA LEU A 125 2.92 6.12 -7.85
C LEU A 125 3.47 4.73 -7.56
N PHE A 126 3.83 3.98 -8.60
CA PHE A 126 4.50 2.70 -8.41
C PHE A 126 5.97 2.81 -8.84
N ASN A 127 6.82 1.98 -8.27
CA ASN A 127 8.27 2.02 -8.53
C ASN A 127 8.64 0.91 -9.48
N VAL A 128 9.14 1.25 -10.64
CA VAL A 128 9.53 0.24 -11.62
C VAL A 128 10.82 -0.46 -11.15
N ILE A 129 10.76 -1.79 -10.97
CA ILE A 129 11.91 -2.58 -10.50
C ILE A 129 12.46 -3.55 -11.55
N GLY A 130 11.76 -3.67 -12.68
CA GLY A 130 12.19 -4.58 -13.68
C GLY A 130 11.16 -4.83 -14.73
N THR A 131 11.44 -5.81 -15.57
CA THR A 131 10.55 -6.20 -16.62
C THR A 131 10.46 -7.70 -16.75
N PHE A 132 9.48 -8.15 -17.51
CA PHE A 132 9.45 -9.50 -18.05
C PHE A 132 9.46 -9.43 -19.58
N ALA A 133 9.91 -10.49 -20.23
CA ALA A 133 10.00 -10.49 -21.69
C ALA A 133 9.70 -11.93 -22.12
N ALA A 134 8.47 -12.13 -22.51
CA ALA A 134 8.02 -13.44 -23.01
C ALA A 134 7.97 -13.50 -24.54
N ASN A 135 8.31 -12.43 -25.23
CA ASN A 135 8.07 -12.28 -26.67
C ASN A 135 6.64 -12.66 -27.08
N SER A 136 5.72 -12.09 -26.32
CA SER A 136 4.33 -12.27 -26.47
C SER A 136 3.70 -10.92 -26.41
N GLU A 137 2.49 -10.80 -26.97
CA GLU A 137 1.77 -9.55 -26.90
C GLU A 137 1.59 -9.05 -25.45
N VAL A 138 1.56 -9.95 -24.47
CA VAL A 138 1.47 -9.47 -23.07
C VAL A 138 2.62 -8.57 -22.60
N ASP A 139 3.77 -8.68 -23.26
CA ASP A 139 4.88 -7.79 -23.03
C ASP A 139 4.52 -6.32 -23.22
N GLY A 140 3.51 -6.08 -24.04
CA GLY A 140 3.04 -4.74 -24.36
C GLY A 140 1.97 -4.21 -23.46
N TYR A 141 1.46 -5.00 -22.53
CA TYR A 141 0.39 -4.46 -21.65
C TYR A 141 0.22 -4.98 -20.25
N GLU A 142 0.69 -6.19 -19.97
CA GLU A 142 0.60 -6.72 -18.62
C GLU A 142 1.70 -6.18 -17.71
N MET A 143 1.37 -6.09 -16.45
CA MET A 143 2.33 -5.74 -15.43
C MET A 143 2.04 -6.50 -14.15
N LEU A 144 3.08 -6.81 -13.38
CA LEU A 144 2.95 -7.53 -12.15
C LEU A 144 3.17 -6.60 -10.97
N VAL A 145 2.25 -6.68 -10.01
CA VAL A 145 2.35 -5.91 -8.73
C VAL A 145 1.93 -6.83 -7.61
N ASN A 146 2.24 -6.41 -6.40
CA ASN A 146 1.80 -7.13 -5.21
C ASN A 146 0.25 -7.02 -5.11
N ILE A 147 -0.38 -8.17 -4.87
CA ILE A 147 -1.83 -8.24 -4.81
C ILE A 147 -2.49 -7.27 -3.79
N GLU A 148 -1.83 -7.07 -2.64
CA GLU A 148 -2.37 -6.17 -1.63
C GLU A 148 -2.29 -4.73 -2.11
N ASP A 149 -1.17 -4.37 -2.73
CA ASP A 149 -1.04 -3.05 -3.34
C ASP A 149 -2.10 -2.82 -4.42
N ALA A 150 -2.37 -3.82 -5.21
CA ALA A 150 -3.37 -3.71 -6.30
C ALA A 150 -4.76 -3.56 -5.66
N SER A 151 -5.04 -4.33 -4.60
CA SER A 151 -6.35 -4.22 -3.93
C SER A 151 -6.59 -2.83 -3.32
N ARG A 152 -5.51 -2.22 -2.80
CA ARG A 152 -5.57 -0.87 -2.30
C ARG A 152 -5.85 0.13 -3.39
N LEU A 153 -5.14 0.00 -4.51
CA LEU A 153 -5.40 0.88 -5.66
C LEU A 153 -6.85 0.75 -6.13
N MET A 154 -7.39 -0.46 -6.13
CA MET A 154 -8.77 -0.69 -6.56
C MET A 154 -9.83 -0.23 -5.52
N ARG A 155 -9.39 0.22 -4.35
CA ARG A 155 -10.21 0.66 -3.24
C ARG A 155 -11.04 -0.48 -2.70
N TYR A 156 -10.50 -1.70 -2.67
CA TYR A 156 -11.23 -2.82 -2.12
C TYR A 156 -11.13 -2.74 -0.58
N PRO A 157 -12.13 -3.29 0.13
CA PRO A 157 -11.95 -3.49 1.59
C PRO A 157 -10.70 -4.27 1.88
N ALA A 158 -10.07 -4.03 3.02
CA ALA A 158 -8.84 -4.73 3.39
C ALA A 158 -9.01 -6.22 3.34
N GLY A 159 -8.04 -6.93 2.74
CA GLY A 159 -8.11 -8.35 2.55
C GLY A 159 -8.93 -8.87 1.36
N ASN A 160 -9.71 -8.00 0.73
CA ASN A 160 -10.45 -8.45 -0.46
C ASN A 160 -9.58 -8.51 -1.71
N ILE A 161 -10.05 -9.26 -2.70
CA ILE A 161 -9.36 -9.44 -3.97
C ILE A 161 -10.37 -9.39 -5.12
N THR A 162 -9.90 -9.33 -6.34
CA THR A 162 -10.80 -9.39 -7.48
C THR A 162 -11.48 -10.75 -7.52
N GLY A 163 -10.72 -11.80 -7.33
CA GLY A 163 -11.27 -13.14 -7.33
C GLY A 163 -10.23 -14.20 -7.45
N TRP A 164 -10.69 -15.38 -7.84
CA TRP A 164 -9.86 -16.54 -7.95
C TRP A 164 -9.56 -16.79 -9.43
N ARG A 165 -8.30 -16.54 -9.80
CA ARG A 165 -7.84 -16.85 -11.13
C ARG A 165 -7.88 -18.34 -11.34
N LEU A 166 -8.28 -18.77 -12.52
CA LEU A 166 -8.41 -20.18 -12.86
C LEU A 166 -7.51 -20.51 -14.03
N TRP A 167 -6.92 -21.70 -13.98
CA TRP A 167 -6.24 -22.30 -15.09
C TRP A 167 -7.06 -23.49 -15.54
N LEU A 168 -7.21 -23.61 -16.85
CA LEU A 168 -8.15 -24.54 -17.45
C LEU A 168 -7.43 -25.58 -18.24
N ASP A 169 -7.93 -26.80 -18.22
CA ASP A 169 -7.37 -27.87 -19.01
C ASP A 169 -7.54 -27.55 -20.47
N GLU A 170 -8.69 -26.98 -20.80
CA GLU A 170 -9.03 -26.71 -22.20
C GLU A 170 -9.59 -25.32 -22.31
N PRO A 171 -8.71 -24.31 -22.26
CA PRO A 171 -9.18 -22.90 -22.26
C PRO A 171 -9.99 -22.48 -23.48
N LEU A 172 -9.90 -23.22 -24.60
CA LEU A 172 -10.77 -22.92 -25.78
C LEU A 172 -12.23 -23.30 -25.58
N LYS A 173 -12.54 -24.03 -24.51
CA LYS A 173 -13.90 -24.45 -24.22
C LYS A 173 -14.57 -23.63 -23.13
N VAL A 174 -14.07 -22.41 -22.93
CA VAL A 174 -14.65 -21.50 -21.97
C VAL A 174 -16.15 -21.26 -22.13
N ASP A 175 -16.69 -21.33 -23.37
N ASP A 175 -16.68 -21.33 -23.36
CA ASP A 175 -18.14 -21.14 -23.52
CA ASP A 175 -18.12 -21.15 -23.55
C ASP A 175 -18.93 -22.18 -22.76
C ASP A 175 -18.93 -22.18 -22.76
N SER A 176 -18.62 -23.46 -22.97
CA SER A 176 -19.24 -24.54 -22.19
C SER A 176 -18.94 -24.46 -20.68
N LEU A 177 -17.68 -24.26 -20.36
CA LEU A 177 -17.25 -24.24 -18.93
C LEU A 177 -17.92 -23.15 -18.13
N SER A 178 -18.20 -22.01 -18.78
CA SER A 178 -18.82 -20.88 -18.09
C SER A 178 -20.26 -21.19 -17.63
N GLN A 179 -20.87 -22.27 -18.11
CA GLN A 179 -22.26 -22.61 -17.79
C GLN A 179 -22.40 -23.50 -16.56
N GLN A 180 -21.29 -23.96 -16.01
CA GLN A 180 -21.31 -24.90 -14.92
C GLN A 180 -21.80 -24.27 -13.62
N LYS A 181 -22.08 -25.12 -12.65
CA LYS A 181 -22.55 -24.66 -11.36
C LYS A 181 -21.42 -23.95 -10.63
N LEU A 182 -21.70 -22.76 -10.16
CA LEU A 182 -20.69 -21.93 -9.47
C LEU A 182 -21.09 -21.76 -8.01
N PRO A 183 -20.15 -21.46 -7.11
CA PRO A 183 -20.52 -21.05 -5.74
C PRO A 183 -21.51 -19.90 -5.69
N GLU A 184 -22.37 -19.91 -4.69
CA GLU A 184 -23.42 -18.90 -4.56
C GLU A 184 -22.81 -17.49 -4.50
N GLY A 185 -23.41 -16.54 -5.23
CA GLY A 185 -22.94 -15.18 -5.26
C GLY A 185 -21.64 -14.95 -6.03
N SER A 186 -21.19 -15.95 -6.79
CA SER A 186 -19.96 -15.79 -7.57
C SER A 186 -20.34 -15.72 -9.01
N LYS A 187 -19.42 -15.24 -9.84
CA LYS A 187 -19.61 -15.29 -11.27
C LYS A 187 -18.33 -15.57 -12.02
N TRP A 188 -18.51 -16.02 -13.25
CA TRP A 188 -17.44 -16.44 -14.11
C TRP A 188 -17.23 -15.37 -15.16
N GLN A 189 -15.99 -14.98 -15.39
CA GLN A 189 -15.61 -14.19 -16.58
C GLN A 189 -14.36 -14.83 -17.13
N ASP A 190 -14.17 -14.72 -18.45
CA ASP A 190 -13.00 -15.36 -19.07
C ASP A 190 -12.33 -14.47 -20.14
N TRP A 191 -11.25 -15.02 -20.69
CA TRP A 191 -10.38 -14.37 -21.66
C TRP A 191 -11.05 -13.81 -22.92
N ARG A 192 -12.24 -14.32 -23.24
CA ARG A 192 -13.03 -13.74 -24.33
C ARG A 192 -13.34 -12.27 -24.19
N ASP A 193 -13.40 -11.79 -22.93
CA ASP A 193 -13.57 -10.39 -22.63
C ASP A 193 -12.47 -9.52 -23.23
N ARG A 194 -11.27 -10.07 -23.42
CA ARG A 194 -10.16 -9.31 -23.98
C ARG A 194 -9.74 -9.75 -25.36
N LYS A 195 -9.85 -11.05 -25.68
CA LYS A 195 -9.39 -11.55 -26.98
C LYS A 195 -10.53 -12.18 -27.79
N GLY A 196 -11.70 -11.55 -27.74
CA GLY A 196 -12.88 -12.02 -28.41
C GLY A 196 -12.68 -12.35 -29.90
N GLU A 197 -11.94 -11.50 -30.60
CA GLU A 197 -11.70 -11.73 -32.02
C GLU A 197 -10.92 -12.98 -32.30
N LEU A 198 -9.99 -13.34 -31.41
CA LEU A 198 -9.27 -14.58 -31.61
C LEU A 198 -10.18 -15.78 -31.34
N PHE A 199 -11.03 -15.68 -30.32
CA PHE A 199 -12.06 -16.70 -30.08
C PHE A 199 -12.93 -16.88 -31.31
N GLN A 200 -13.47 -15.81 -31.88
CA GLN A 200 -14.29 -15.91 -33.11
C GLN A 200 -13.52 -16.53 -34.25
N ALA A 201 -12.22 -16.26 -34.36
CA ALA A 201 -11.39 -16.88 -35.40
C ALA A 201 -11.23 -18.38 -35.20
N VAL A 202 -11.09 -18.83 -33.95
CA VAL A 202 -11.07 -20.27 -33.64
C VAL A 202 -12.36 -20.90 -34.17
N ARG A 203 -13.49 -20.29 -33.88
CA ARG A 203 -14.77 -20.83 -34.33
C ARG A 203 -14.83 -20.86 -35.88
N MET A 204 -14.44 -19.76 -36.52
CA MET A 204 -14.40 -19.69 -37.98
C MET A 204 -13.54 -20.81 -38.60
N GLU A 205 -12.32 -21.04 -38.07
CA GLU A 205 -11.42 -22.06 -38.63
C GLU A 205 -11.94 -23.48 -38.44
N LYS A 206 -12.58 -23.76 -37.31
CA LYS A 206 -13.28 -25.03 -37.13
C LYS A 206 -14.33 -25.26 -38.24
N ASN A 207 -15.23 -24.28 -38.43
CA ASN A 207 -16.48 -24.60 -39.14
C ASN A 207 -16.18 -24.90 -40.63
N MET A 208 -15.18 -24.20 -41.18
CA MET A 208 -14.45 -24.64 -42.37
C MET A 208 -13.64 -25.90 -42.05
N MET B 1 -3.00 17.68 -16.22
CA MET B 1 -1.69 17.55 -16.94
C MET B 1 -1.88 17.77 -18.48
N ASN B 2 -1.44 18.94 -18.94
CA ASN B 2 -1.23 19.15 -20.35
C ASN B 2 -0.14 18.13 -20.70
N GLY B 3 0.72 17.72 -19.75
CA GLY B 3 1.71 16.58 -19.95
C GLY B 3 1.07 15.27 -20.50
N PHE B 4 0.01 14.85 -19.83
CA PHE B 4 -0.76 13.69 -20.21
C PHE B 4 -1.30 13.91 -21.64
N GLU B 5 -1.89 15.09 -21.84
CA GLU B 5 -2.50 15.48 -23.11
C GLU B 5 -1.50 15.55 -24.24
N ARG B 6 -0.36 16.19 -24.00
CA ARG B 6 0.67 16.30 -25.01
C ARG B 6 1.17 14.93 -25.41
N GLU B 7 1.39 14.07 -24.41
CA GLU B 7 1.92 12.72 -24.66
C GLU B 7 0.95 11.86 -25.44
N LEU B 8 -0.33 11.93 -25.04
CA LEU B 8 -1.36 11.23 -25.73
C LEU B 8 -1.39 11.64 -27.22
N GLN B 9 -1.35 12.95 -27.47
CA GLN B 9 -1.40 13.47 -28.84
C GLN B 9 -0.21 13.11 -29.70
N ASN B 10 0.98 13.32 -29.15
CA ASN B 10 2.22 13.12 -29.91
C ASN B 10 2.63 11.68 -30.08
N ASN B 11 2.47 10.87 -29.04
CA ASN B 11 3.04 9.51 -29.04
C ASN B 11 2.09 8.42 -29.54
N ILE B 12 0.78 8.73 -29.52
CA ILE B 12 -0.24 7.74 -29.88
C ILE B 12 -1.14 8.25 -31.00
N LEU B 13 -1.86 9.33 -30.75
CA LEU B 13 -2.79 9.90 -31.75
C LEU B 13 -2.13 10.40 -33.03
N GLY B 14 -0.84 10.79 -32.94
CA GLY B 14 -0.06 11.13 -34.08
C GLY B 14 0.19 9.97 -35.09
N LEU B 15 0.08 8.71 -34.63
CA LEU B 15 0.48 7.53 -35.38
C LEU B 15 -0.65 6.57 -35.72
N MET B 16 -1.87 6.95 -35.36
CA MET B 16 -3.07 6.21 -35.68
C MET B 16 -4.08 7.14 -36.30
N PRO B 17 -5.10 6.59 -36.98
CA PRO B 17 -6.21 7.40 -37.51
C PRO B 17 -6.94 8.11 -36.37
N GLN B 18 -6.88 9.43 -36.38
CA GLN B 18 -7.54 10.27 -35.39
C GLN B 18 -9.06 10.22 -35.54
N ALA B 19 -9.50 10.35 -36.77
CA ALA B 19 -10.91 10.18 -37.09
C ALA B 19 -11.01 9.76 -38.54
N ILE B 20 -12.13 9.17 -38.88
CA ILE B 20 -12.44 8.74 -40.23
C ILE B 20 -13.89 9.14 -40.57
N LEU B 21 -14.05 9.75 -41.74
CA LEU B 21 -15.37 10.02 -42.30
C LEU B 21 -15.68 8.88 -43.27
N SER B 22 -16.60 8.02 -42.87
CA SER B 22 -16.92 6.83 -43.58
C SER B 22 -18.36 6.88 -44.04
N SER B 23 -18.80 5.82 -44.72
CA SER B 23 -20.18 5.73 -45.15
C SER B 23 -21.05 5.24 -44.03
N GLU B 24 -22.29 5.72 -43.96
CA GLU B 24 -23.24 5.14 -43.05
C GLU B 24 -23.51 3.66 -43.38
N HIS B 25 -23.60 3.35 -44.66
CA HIS B 25 -24.00 2.03 -45.15
C HIS B 25 -22.88 1.48 -46.05
N GLY B 26 -22.25 0.43 -45.56
CA GLY B 26 -21.17 -0.27 -46.28
C GLY B 26 -19.86 0.52 -46.32
N SER B 27 -19.16 0.40 -47.43
CA SER B 27 -17.92 1.14 -47.70
C SER B 27 -18.23 2.44 -48.38
N LEU B 28 -17.22 3.30 -48.56
CA LEU B 28 -17.42 4.59 -49.13
C LEU B 28 -16.97 4.59 -50.57
N ASN B 29 -17.83 5.19 -51.42
CA ASN B 29 -17.55 5.33 -52.82
C ASN B 29 -16.99 6.73 -53.04
N PRO B 30 -15.68 6.85 -53.37
CA PRO B 30 -15.12 8.19 -53.49
C PRO B 30 -15.60 9.00 -54.68
N GLN B 31 -16.32 8.38 -55.62
CA GLN B 31 -17.00 9.14 -56.66
C GLN B 31 -18.30 9.76 -56.15
N GLN B 32 -18.93 9.14 -55.16
CA GLN B 32 -20.12 9.68 -54.52
C GLN B 32 -19.75 10.73 -53.46
N LEU B 33 -18.70 10.49 -52.66
CA LEU B 33 -18.21 11.46 -51.67
C LEU B 33 -16.73 11.66 -51.90
N PRO B 34 -16.35 12.52 -52.86
CA PRO B 34 -14.93 12.75 -53.17
C PRO B 34 -14.20 13.56 -52.12
N GLU B 35 -12.89 13.49 -52.16
CA GLU B 35 -12.05 14.15 -51.17
C GLU B 35 -12.35 15.63 -51.09
N THR B 36 -12.62 16.25 -52.24
CA THR B 36 -12.96 17.67 -52.28
C THR B 36 -14.27 18.00 -51.56
N ALA B 37 -15.17 17.04 -51.38
CA ALA B 37 -16.39 17.29 -50.63
C ALA B 37 -16.24 17.13 -49.09
N VAL B 38 -15.05 16.78 -48.63
CA VAL B 38 -14.78 16.70 -47.21
C VAL B 38 -14.36 18.08 -46.73
N LYS B 39 -15.31 18.85 -46.23
CA LYS B 39 -15.01 20.20 -45.73
C LYS B 39 -15.52 20.25 -44.30
N LEU B 40 -14.67 19.91 -43.35
CA LEU B 40 -15.07 19.78 -41.99
C LEU B 40 -14.34 20.80 -41.12
N ASP B 41 -14.99 21.30 -40.07
CA ASP B 41 -14.30 22.14 -39.07
C ASP B 41 -13.30 21.30 -38.28
N GLY B 42 -12.18 21.92 -37.99
CA GLY B 42 -11.16 21.35 -37.15
C GLY B 42 -10.22 20.40 -37.85
N VAL B 43 -10.35 20.23 -39.17
CA VAL B 43 -9.67 19.19 -39.92
C VAL B 43 -8.64 19.84 -40.80
N ASN B 44 -7.37 19.46 -40.66
CA ASN B 44 -6.32 20.12 -41.46
C ASN B 44 -5.79 19.26 -42.62
N ARG B 45 -6.23 18.02 -42.72
CA ARG B 45 -5.70 17.10 -43.73
C ARG B 45 -6.65 15.91 -43.84
N VAL B 46 -6.81 15.47 -45.08
CA VAL B 46 -7.66 14.35 -45.44
C VAL B 46 -6.86 13.39 -46.34
N ALA B 47 -7.00 12.09 -46.12
CA ALA B 47 -6.40 11.06 -47.00
C ALA B 47 -7.29 9.84 -47.06
N PRO B 48 -7.25 9.12 -48.19
CA PRO B 48 -8.00 7.88 -48.26
C PRO B 48 -7.41 6.80 -47.34
N ILE B 49 -8.29 5.93 -46.84
CA ILE B 49 -7.87 4.80 -46.07
C ILE B 49 -8.83 3.64 -46.18
N THR B 50 -8.28 2.44 -46.16
CA THR B 50 -9.06 1.25 -45.91
C THR B 50 -8.46 0.62 -44.67
N THR B 51 -9.28 0.39 -43.65
CA THR B 51 -8.75 -0.06 -42.37
C THR B 51 -9.77 -0.93 -41.63
N GLY B 52 -9.26 -1.85 -40.85
CA GLY B 52 -10.06 -2.62 -39.93
C GLY B 52 -9.22 -3.53 -39.08
N ASP B 53 -9.81 -4.15 -38.06
CA ASP B 53 -9.09 -5.19 -37.33
C ASP B 53 -8.92 -6.41 -38.23
N VAL B 54 -7.77 -7.06 -38.12
CA VAL B 54 -7.50 -8.30 -38.85
C VAL B 54 -6.93 -9.32 -37.89
N VAL B 55 -7.22 -10.58 -38.12
CA VAL B 55 -6.58 -11.66 -37.39
C VAL B 55 -5.42 -12.13 -38.26
N LEU B 56 -4.27 -12.26 -37.62
CA LEU B 56 -3.00 -12.63 -38.28
C LEU B 56 -2.52 -13.95 -37.76
N GLN B 57 -2.08 -14.81 -38.67
CA GLN B 57 -1.44 -16.07 -38.30
C GLN B 57 -0.16 -16.19 -39.10
N SER B 58 0.95 -16.30 -38.39
CA SER B 58 2.24 -16.67 -39.00
C SER B 58 2.49 -18.16 -38.83
N ALA B 59 3.66 -18.62 -39.25
CA ALA B 59 4.06 -20.00 -38.94
C ALA B 59 4.18 -20.27 -37.42
N ARG B 60 4.44 -19.23 -36.61
CA ARG B 60 4.70 -19.45 -35.20
C ARG B 60 3.65 -18.93 -34.23
N SER B 61 2.83 -17.95 -34.61
CA SER B 61 1.88 -17.41 -33.65
C SER B 61 0.73 -16.72 -34.32
N VAL B 62 -0.10 -16.09 -33.47
CA VAL B 62 -1.29 -15.39 -33.90
C VAL B 62 -1.37 -14.03 -33.23
N ALA B 63 -2.12 -13.13 -33.83
CA ALA B 63 -2.34 -11.81 -33.24
C ALA B 63 -3.53 -11.10 -33.89
N VAL B 64 -4.00 -10.06 -33.23
CA VAL B 64 -4.92 -9.09 -33.79
C VAL B 64 -4.12 -7.87 -34.23
N GLY B 65 -4.25 -7.51 -35.50
CA GLY B 65 -3.65 -6.28 -36.04
C GLY B 65 -4.67 -5.22 -36.42
N VAL B 66 -4.17 -4.00 -36.62
CA VAL B 66 -4.93 -2.95 -37.23
C VAL B 66 -4.29 -2.70 -38.59
N MET B 67 -5.05 -3.04 -39.63
CA MET B 67 -4.58 -2.88 -41.01
C MET B 67 -4.80 -1.46 -41.43
N LEU B 68 -3.71 -0.79 -41.85
CA LEU B 68 -3.80 0.53 -42.44
C LEU B 68 -3.50 0.39 -43.95
N GLY B 69 -4.58 0.36 -44.74
CA GLY B 69 -4.49 0.38 -46.19
C GLY B 69 -4.35 1.80 -46.71
N ILE B 70 -3.18 2.08 -47.26
CA ILE B 70 -2.79 3.43 -47.63
C ILE B 70 -2.41 3.51 -49.11
N ASP B 71 -2.52 4.71 -49.64
CA ASP B 71 -1.94 5.06 -50.92
C ASP B 71 -0.43 5.14 -50.66
N PRO B 72 0.36 4.19 -51.18
CA PRO B 72 1.81 4.12 -50.88
C PRO B 72 2.60 5.37 -51.31
N ALA B 73 2.05 6.09 -52.28
CA ALA B 73 2.66 7.33 -52.75
C ALA B 73 2.46 8.53 -51.78
N GLN B 74 1.55 8.46 -50.82
CA GLN B 74 1.41 9.55 -49.84
C GLN B 74 2.13 9.24 -48.54
N LYS B 75 2.79 10.26 -48.00
CA LYS B 75 3.45 10.17 -46.70
C LYS B 75 2.40 9.91 -45.60
N ASP B 76 2.65 8.90 -44.78
CA ASP B 76 1.87 8.57 -43.59
C ASP B 76 2.69 9.04 -42.41
N PRO B 77 2.05 9.34 -41.27
CA PRO B 77 2.88 9.63 -40.08
C PRO B 77 3.92 8.52 -39.76
N LEU B 78 3.67 7.27 -40.14
CA LEU B 78 4.61 6.17 -39.89
C LEU B 78 5.78 6.12 -40.91
N THR B 79 5.67 6.84 -42.03
CA THR B 79 6.65 6.75 -43.11
C THR B 79 8.09 7.01 -42.63
N PRO B 80 8.32 8.03 -41.79
CA PRO B 80 9.66 8.26 -41.26
C PRO B 80 10.19 7.17 -40.35
N TYR B 81 9.34 6.27 -39.85
CA TYR B 81 9.79 5.22 -38.96
C TYR B 81 10.03 3.85 -39.63
N LEU B 82 9.91 3.79 -40.96
CA LEU B 82 10.14 2.55 -41.67
C LEU B 82 11.59 2.11 -41.53
N VAL B 83 11.81 0.84 -41.36
CA VAL B 83 13.17 0.32 -41.16
C VAL B 83 13.63 -0.34 -42.46
N ASN B 84 14.50 0.34 -43.20
CA ASN B 84 15.19 -0.22 -44.38
C ASN B 84 14.17 -0.83 -45.35
N VAL B 85 13.13 -0.06 -45.64
CA VAL B 85 12.11 -0.54 -46.59
C VAL B 85 11.40 0.67 -47.15
N LYS B 86 11.11 0.62 -48.44
CA LYS B 86 10.42 1.71 -49.11
C LYS B 86 8.91 1.50 -49.08
N GLN B 87 8.19 2.51 -48.67
CA GLN B 87 6.76 2.44 -48.63
C GLN B 87 6.17 2.14 -50.04
N THR B 88 6.81 2.65 -51.08
CA THR B 88 6.36 2.39 -52.45
C THR B 88 6.49 0.93 -52.90
N ASP B 89 7.16 0.05 -52.12
CA ASP B 89 7.08 -1.37 -52.38
C ASP B 89 5.68 -1.97 -52.08
N LEU B 90 4.79 -1.22 -51.41
CA LEU B 90 3.41 -1.65 -51.25
C LEU B 90 2.61 -1.43 -52.55
N GLU B 91 2.99 -2.15 -53.61
CA GLU B 91 2.31 -2.02 -54.91
C GLU B 91 1.00 -2.81 -54.88
N PRO B 92 -0.04 -2.27 -55.54
CA PRO B 92 -1.32 -2.98 -55.53
C PRO B 92 -1.22 -4.32 -56.25
N GLY B 93 -1.85 -5.32 -55.69
CA GLY B 93 -1.80 -6.68 -56.16
C GLY B 93 -0.60 -7.49 -55.75
N LYS B 94 0.35 -6.91 -55.01
CA LYS B 94 1.46 -7.68 -54.49
C LYS B 94 1.17 -8.27 -53.11
N TYR B 95 0.22 -7.71 -52.38
CA TYR B 95 -0.08 -8.20 -51.04
C TYR B 95 1.14 -8.15 -50.14
N ASN B 96 1.93 -7.08 -50.24
CA ASN B 96 3.00 -6.85 -49.31
C ASN B 96 2.45 -6.18 -48.06
N VAL B 97 3.20 -6.37 -46.97
CA VAL B 97 2.86 -5.76 -45.69
C VAL B 97 4.14 -5.31 -44.96
N ILE B 98 4.05 -4.12 -44.36
CA ILE B 98 5.05 -3.61 -43.44
C ILE B 98 4.48 -3.64 -42.02
N LEU B 99 5.06 -4.48 -41.16
CA LEU B 99 4.49 -4.69 -39.80
C LEU B 99 5.11 -3.81 -38.76
N GLY B 100 4.35 -3.40 -37.75
CA GLY B 100 5.00 -2.84 -36.54
C GLY B 100 6.08 -3.82 -36.05
N GLU B 101 7.23 -3.31 -35.65
N GLU B 101 7.23 -3.31 -35.64
CA GLU B 101 8.36 -4.14 -35.25
CA GLU B 101 8.37 -4.15 -35.25
C GLU B 101 8.03 -5.14 -34.14
C GLU B 101 8.03 -5.14 -34.14
N GLN B 102 7.22 -4.71 -33.17
N GLN B 102 7.22 -4.71 -33.18
CA GLN B 102 6.86 -5.58 -32.05
CA GLN B 102 6.87 -5.58 -32.06
C GLN B 102 5.85 -6.66 -32.47
C GLN B 102 5.85 -6.66 -32.47
N LEU B 103 4.88 -6.26 -33.28
CA LEU B 103 3.97 -7.23 -33.92
C LEU B 103 4.74 -8.35 -34.67
N ALA B 104 5.75 -7.93 -35.43
CA ALA B 104 6.55 -8.84 -36.23
C ALA B 104 7.29 -9.81 -35.32
N SER B 105 7.88 -9.27 -34.25
CA SER B 105 8.62 -10.06 -33.30
C SER B 105 7.75 -11.08 -32.61
N GLN B 106 6.57 -10.68 -32.20
CA GLN B 106 5.62 -11.60 -31.56
C GLN B 106 5.07 -12.67 -32.50
N LEU B 107 4.98 -12.36 -33.78
CA LEU B 107 4.65 -13.35 -34.77
C LEU B 107 5.83 -14.21 -35.18
N GLY B 108 7.05 -13.86 -34.75
CA GLY B 108 8.26 -14.57 -35.14
C GLY B 108 8.51 -14.55 -36.68
N VAL B 109 8.22 -13.43 -37.32
CA VAL B 109 8.43 -13.32 -38.76
C VAL B 109 9.57 -12.42 -39.12
N ASN B 110 10.13 -12.67 -40.29
CA ASN B 110 11.11 -11.80 -40.90
C ASN B 110 10.67 -11.54 -42.34
N ARG B 111 11.21 -10.47 -42.91
CA ARG B 111 10.92 -10.13 -44.28
C ARG B 111 11.26 -11.30 -45.19
N GLY B 112 10.38 -11.54 -46.15
CA GLY B 112 10.41 -12.75 -46.97
C GLY B 112 9.42 -13.79 -46.50
N ASP B 113 8.93 -13.72 -45.27
CA ASP B 113 7.92 -14.69 -44.79
C ASP B 113 6.52 -14.21 -45.21
N GLN B 114 5.58 -15.11 -45.16
CA GLN B 114 4.18 -14.80 -45.34
C GLN B 114 3.41 -14.90 -44.05
N ILE B 115 2.29 -14.19 -43.96
CA ILE B 115 1.36 -14.33 -42.88
C ILE B 115 -0.03 -14.35 -43.45
N ARG B 116 -0.89 -15.13 -42.81
CA ARG B 116 -2.30 -15.23 -43.17
C ARG B 116 -3.03 -14.08 -42.51
N VAL B 117 -3.78 -13.32 -43.28
CA VAL B 117 -4.48 -12.13 -42.80
C VAL B 117 -5.97 -12.35 -43.03
N MET B 118 -6.76 -12.29 -41.96
CA MET B 118 -8.18 -12.73 -41.99
C MET B 118 -9.12 -11.66 -41.46
N VAL B 119 -10.21 -11.45 -42.17
CA VAL B 119 -11.32 -10.59 -41.74
C VAL B 119 -12.54 -11.48 -41.96
N GLY B 120 -13.07 -12.03 -40.89
CA GLY B 120 -14.11 -13.10 -40.93
C GLY B 120 -13.64 -14.24 -41.83
N ALA B 121 -14.47 -14.56 -42.83
CA ALA B 121 -14.16 -15.62 -43.77
C ALA B 121 -13.19 -15.19 -44.88
N SER B 122 -13.03 -13.89 -45.10
CA SER B 122 -12.14 -13.40 -46.14
C SER B 122 -10.65 -13.57 -45.66
N GLN B 123 -9.84 -14.27 -46.45
CA GLN B 123 -8.42 -14.36 -46.15
C GLN B 123 -7.48 -14.10 -47.32
N ARG B 124 -6.30 -13.60 -46.99
CA ARG B 124 -5.21 -13.49 -47.95
C ARG B 124 -3.87 -13.75 -47.30
N LEU B 125 -2.94 -14.35 -48.05
CA LEU B 125 -1.53 -14.42 -47.60
C LEU B 125 -0.86 -13.12 -47.95
N PHE B 126 -0.27 -12.44 -46.98
CA PHE B 126 0.50 -11.22 -47.26
C PHE B 126 1.99 -11.50 -47.09
N ASN B 127 2.82 -10.75 -47.83
CA ASN B 127 4.26 -10.96 -47.85
C ASN B 127 4.92 -9.90 -47.00
N VAL B 128 5.59 -10.30 -45.94
CA VAL B 128 6.26 -9.34 -45.07
C VAL B 128 7.51 -8.80 -45.77
N ILE B 129 7.58 -7.49 -45.94
CA ILE B 129 8.71 -6.81 -46.61
C ILE B 129 9.56 -5.94 -45.68
N GLY B 130 9.09 -5.78 -44.45
CA GLY B 130 9.87 -5.09 -43.43
C GLY B 130 9.00 -4.58 -42.32
N THR B 131 9.53 -3.64 -41.57
CA THR B 131 8.86 -3.16 -40.38
C THR B 131 8.98 -1.64 -40.27
N PHE B 132 8.18 -1.09 -39.36
CA PHE B 132 8.39 0.25 -38.85
C PHE B 132 8.64 0.17 -37.34
N ALA B 133 9.31 1.17 -36.79
CA ALA B 133 9.64 1.18 -35.38
C ALA B 133 9.57 2.62 -34.93
N ALA B 134 8.47 2.98 -34.32
CA ALA B 134 8.27 4.31 -33.78
C ALA B 134 8.51 4.41 -32.27
N ASN B 135 8.81 3.30 -31.63
CA ASN B 135 8.76 3.17 -30.16
C ASN B 135 7.49 3.72 -29.54
N SER B 136 6.40 3.27 -30.12
CA SER B 136 5.07 3.63 -29.70
C SER B 136 4.29 2.33 -29.66
N GLU B 137 3.21 2.36 -28.91
CA GLU B 137 2.34 1.19 -28.83
C GLU B 137 1.89 0.68 -30.21
N VAL B 138 1.80 1.55 -31.20
CA VAL B 138 1.39 1.09 -32.55
C VAL B 138 2.36 0.09 -33.18
N ASP B 139 3.62 0.07 -32.73
CA ASP B 139 4.58 -0.95 -33.13
C ASP B 139 4.09 -2.37 -32.83
N GLY B 140 3.21 -2.50 -31.86
CA GLY B 140 2.66 -3.78 -31.46
C GLY B 140 1.39 -4.20 -32.16
N TYR B 141 0.83 -3.35 -33.03
CA TYR B 141 -0.40 -3.77 -33.70
C TYR B 141 -0.76 -3.20 -35.07
N GLU B 142 -0.21 -2.04 -35.44
CA GLU B 142 -0.50 -1.49 -36.74
C GLU B 142 0.36 -2.15 -37.81
N MET B 143 -0.18 -2.13 -39.01
CA MET B 143 0.56 -2.61 -40.17
C MET B 143 0.14 -1.82 -41.37
N LEU B 144 1.08 -1.62 -42.32
CA LEU B 144 0.81 -0.86 -43.52
C LEU B 144 0.71 -1.81 -44.71
N VAL B 145 -0.37 -1.65 -45.49
CA VAL B 145 -0.59 -2.39 -46.73
C VAL B 145 -1.07 -1.43 -47.81
N ASN B 146 -1.05 -1.91 -49.06
CA ASN B 146 -1.60 -1.14 -50.16
C ASN B 146 -3.15 -1.05 -49.98
N ILE B 147 -3.66 0.16 -50.12
CA ILE B 147 -5.09 0.41 -49.93
C ILE B 147 -6.02 -0.49 -50.80
N GLU B 148 -5.60 -0.75 -52.05
CA GLU B 148 -6.40 -1.59 -52.92
C GLU B 148 -6.42 -3.02 -52.44
N ASP B 149 -5.25 -3.54 -52.00
CA ASP B 149 -5.20 -4.87 -51.43
C ASP B 149 -6.09 -4.95 -50.17
N ALA B 150 -6.08 -3.91 -49.35
CA ALA B 150 -6.91 -3.91 -48.14
C ALA B 150 -8.40 -3.87 -48.52
N SER B 151 -8.76 -3.06 -49.52
CA SER B 151 -10.16 -2.99 -49.98
C SER B 151 -10.66 -4.34 -50.50
N ARG B 152 -9.79 -5.08 -51.19
CA ARG B 152 -10.10 -6.41 -51.67
C ARG B 152 -10.29 -7.38 -50.52
N LEU B 153 -9.40 -7.35 -49.53
CA LEU B 153 -9.54 -8.21 -48.34
C LEU B 153 -10.87 -7.89 -47.65
N MET B 154 -11.25 -6.64 -47.58
CA MET B 154 -12.49 -6.24 -46.92
C MET B 154 -13.76 -6.53 -47.75
N ARG B 155 -13.57 -7.02 -48.99
CA ARG B 155 -14.63 -7.35 -49.95
C ARG B 155 -15.40 -6.11 -50.35
N TYR B 156 -14.74 -4.97 -50.47
CA TYR B 156 -15.41 -3.75 -50.89
C TYR B 156 -15.59 -3.79 -52.42
N PRO B 157 -16.64 -3.16 -52.95
CA PRO B 157 -16.74 -2.94 -54.39
C PRO B 157 -15.50 -2.25 -54.93
N ALA B 158 -15.16 -2.52 -56.18
CA ALA B 158 -14.00 -1.93 -56.81
C ALA B 158 -14.00 -0.42 -56.69
N GLY B 159 -12.86 0.16 -56.32
CA GLY B 159 -12.79 1.60 -56.10
C GLY B 159 -13.19 2.10 -54.71
N ASN B 160 -13.94 1.32 -53.96
CA ASN B 160 -14.39 1.77 -52.66
C ASN B 160 -13.29 1.67 -51.60
N ILE B 161 -13.49 2.46 -50.54
CA ILE B 161 -12.53 2.54 -49.44
C ILE B 161 -13.32 2.59 -48.11
N THR B 162 -12.61 2.46 -46.99
CA THR B 162 -13.28 2.60 -45.71
C THR B 162 -13.81 4.01 -45.55
N GLY B 163 -12.99 4.99 -45.87
CA GLY B 163 -13.39 6.37 -45.80
C GLY B 163 -12.22 7.31 -45.89
N TRP B 164 -12.46 8.53 -45.42
CA TRP B 164 -11.47 9.58 -45.46
C TRP B 164 -10.90 9.76 -44.04
N ARG B 165 -9.64 9.37 -43.89
CA ARG B 165 -8.91 9.62 -42.68
C ARG B 165 -8.74 11.11 -42.49
N LEU B 166 -8.87 11.57 -41.25
CA LEU B 166 -8.80 12.99 -40.93
C LEU B 166 -7.67 13.23 -39.94
N TRP B 167 -6.99 14.37 -40.12
CA TRP B 167 -6.06 14.88 -39.14
C TRP B 167 -6.66 16.16 -38.61
N LEU B 168 -6.56 16.32 -37.29
CA LEU B 168 -7.29 17.34 -36.55
C LEU B 168 -6.35 18.30 -35.89
N ASP B 169 -6.72 19.56 -35.85
CA ASP B 169 -5.94 20.57 -35.14
C ASP B 169 -5.94 20.22 -33.65
N GLU B 170 -7.07 19.73 -33.16
CA GLU B 170 -7.21 19.41 -31.75
C GLU B 170 -7.86 18.05 -31.63
N PRO B 171 -7.05 16.99 -31.77
CA PRO B 171 -7.59 15.63 -31.70
C PRO B 171 -8.26 15.25 -30.38
N LEU B 172 -7.95 15.98 -29.28
CA LEU B 172 -8.64 15.71 -28.02
C LEU B 172 -10.08 16.19 -27.98
N LYS B 173 -10.49 16.95 -28.99
CA LYS B 173 -11.84 17.51 -29.04
C LYS B 173 -12.74 16.78 -30.01
N VAL B 174 -12.38 15.53 -30.34
CA VAL B 174 -13.23 14.70 -31.18
C VAL B 174 -14.71 14.57 -30.71
N ASP B 175 -14.97 14.68 -29.41
CA ASP B 175 -16.36 14.63 -28.93
C ASP B 175 -17.20 15.77 -29.53
N SER B 176 -16.71 17.00 -29.41
CA SER B 176 -17.37 18.17 -30.01
C SER B 176 -17.40 18.09 -31.55
N LEU B 177 -16.24 17.75 -32.14
CA LEU B 177 -16.12 17.75 -33.58
C LEU B 177 -17.03 16.74 -34.25
N SER B 178 -17.33 15.63 -33.57
CA SER B 178 -18.18 14.60 -34.10
C SER B 178 -19.62 15.04 -34.35
N GLN B 179 -20.01 16.17 -33.75
CA GLN B 179 -21.41 16.67 -33.81
C GLN B 179 -21.65 17.63 -34.95
N GLN B 180 -20.62 17.97 -35.70
CA GLN B 180 -20.75 18.94 -36.79
C GLN B 180 -21.52 18.37 -37.94
N LYS B 181 -21.92 19.22 -38.87
CA LYS B 181 -22.70 18.77 -40.01
C LYS B 181 -21.82 17.94 -40.93
N LEU B 182 -22.27 16.76 -41.28
CA LEU B 182 -21.53 15.85 -42.13
C LEU B 182 -22.22 15.70 -43.47
N PRO B 183 -21.46 15.35 -44.54
CA PRO B 183 -22.10 15.03 -45.81
C PRO B 183 -23.17 13.94 -45.69
N GLU B 184 -24.23 14.03 -46.50
CA GLU B 184 -25.35 13.10 -46.39
C GLU B 184 -24.88 11.66 -46.60
N GLY B 185 -25.37 10.75 -45.78
CA GLY B 185 -25.00 9.33 -45.86
C GLY B 185 -23.60 9.01 -45.33
N SER B 186 -22.91 9.96 -44.69
CA SER B 186 -21.59 9.72 -44.12
C SER B 186 -21.71 9.66 -42.62
N LYS B 187 -20.71 9.10 -41.96
CA LYS B 187 -20.63 9.16 -40.52
C LYS B 187 -19.23 9.31 -40.00
N TRP B 188 -19.16 9.72 -38.74
CA TRP B 188 -17.93 10.01 -38.08
C TRP B 188 -17.61 8.92 -37.10
N GLN B 189 -16.36 8.45 -37.11
N GLN B 189 -16.36 8.45 -37.10
CA GLN B 189 -15.85 7.58 -36.05
CA GLN B 189 -15.85 7.58 -36.04
C GLN B 189 -14.47 8.13 -35.72
C GLN B 189 -14.47 8.13 -35.71
N ASP B 190 -14.03 7.95 -34.48
CA ASP B 190 -12.76 8.48 -34.04
C ASP B 190 -11.98 7.53 -33.12
N TRP B 191 -10.80 7.96 -32.75
CA TRP B 191 -9.84 7.19 -31.95
C TRP B 191 -10.33 6.68 -30.60
N ARG B 192 -11.39 7.30 -30.08
CA ARG B 192 -12.02 6.81 -28.86
C ARG B 192 -12.56 5.40 -28.96
N ASP B 193 -12.86 4.95 -30.18
CA ASP B 193 -13.26 3.58 -30.43
C ASP B 193 -12.18 2.57 -30.03
N ARG B 194 -10.90 2.98 -30.05
CA ARG B 194 -9.80 2.10 -29.67
C ARG B 194 -9.12 2.47 -28.37
N LYS B 195 -9.04 3.75 -28.04
CA LYS B 195 -8.32 4.21 -26.85
C LYS B 195 -9.24 4.98 -25.91
N GLY B 196 -10.46 4.49 -25.75
CA GLY B 196 -11.47 5.12 -24.91
C GLY B 196 -11.02 5.41 -23.50
N GLU B 197 -10.28 4.48 -22.92
CA GLU B 197 -9.77 4.66 -21.54
C GLU B 197 -8.80 5.80 -21.41
N LEU B 198 -8.01 6.06 -22.45
CA LEU B 198 -7.11 7.21 -22.38
C LEU B 198 -7.92 8.50 -22.50
N PHE B 199 -8.95 8.52 -23.36
CA PHE B 199 -9.86 9.65 -23.43
C PHE B 199 -10.50 9.92 -22.07
N GLN B 200 -11.06 8.89 -21.41
CA GLN B 200 -11.65 9.06 -20.08
C GLN B 200 -10.63 9.61 -19.08
N ALA B 201 -9.37 9.19 -19.19
CA ALA B 201 -8.31 9.70 -18.31
C ALA B 201 -8.02 11.18 -18.52
N VAL B 202 -8.03 11.62 -19.78
CA VAL B 202 -7.91 13.05 -20.08
C VAL B 202 -9.00 13.82 -19.35
N ARG B 203 -10.24 13.34 -19.45
N ARG B 203 -10.24 13.34 -19.45
CA ARG B 203 -11.35 14.03 -18.78
CA ARG B 203 -11.35 14.03 -18.79
C ARG B 203 -11.16 14.02 -17.25
C ARG B 203 -11.16 14.02 -17.25
N MET B 204 -10.79 12.88 -16.69
CA MET B 204 -10.53 12.75 -15.25
C MET B 204 -9.44 13.75 -14.77
N GLU B 205 -8.32 13.86 -15.49
CA GLU B 205 -7.23 14.77 -15.10
C GLU B 205 -7.60 16.24 -15.20
N LYS B 206 -8.39 16.62 -16.20
CA LYS B 206 -9.01 17.97 -16.24
C LYS B 206 -9.81 18.26 -14.95
N ASN B 207 -10.72 17.37 -14.61
CA ASN B 207 -11.47 17.44 -13.33
C ASN B 207 -10.54 17.54 -12.09
N MET B 208 -9.48 16.72 -12.04
CA MET B 208 -8.47 16.78 -10.94
C MET B 208 -7.74 18.15 -10.88
N ALA B 209 -7.23 18.60 -12.04
CA ALA B 209 -6.55 19.91 -12.22
C ALA B 209 -7.52 20.99 -12.66
N MET C 1 1.20 -12.61 9.13
CA MET C 1 2.59 -12.88 9.62
C MET C 1 2.54 -13.57 11.03
N ASN C 2 2.81 -14.87 11.04
CA ASN C 2 3.13 -15.53 12.28
C ASN C 2 4.42 -14.90 12.70
N GLY C 3 5.23 -14.31 11.79
CA GLY C 3 6.43 -13.44 12.17
C GLY C 3 6.11 -12.32 13.19
N PHE C 4 5.06 -11.55 12.90
CA PHE C 4 4.56 -10.51 13.77
C PHE C 4 4.17 -11.16 15.11
N GLU C 5 3.44 -12.29 15.04
CA GLU C 5 2.95 -12.97 16.23
C GLU C 5 4.08 -13.54 17.07
N ARG C 6 5.04 -14.18 16.43
CA ARG C 6 6.18 -14.74 17.13
C ARG C 6 6.96 -13.64 17.85
N GLU C 7 7.17 -12.52 17.15
CA GLU C 7 7.93 -11.39 17.69
C GLU C 7 7.23 -10.72 18.85
N LEU C 8 5.91 -10.53 18.70
CA LEU C 8 5.09 -10.00 19.77
C LEU C 8 5.24 -10.87 21.03
N GLN C 9 5.11 -12.17 20.85
CA GLN C 9 5.19 -13.13 21.98
C GLN C 9 6.54 -13.17 22.66
N ASN C 10 7.59 -13.31 21.85
CA ASN C 10 8.97 -13.48 22.39
C ASN C 10 9.59 -12.21 22.92
N ASN C 11 9.39 -11.09 22.22
CA ASN C 11 10.15 -9.86 22.54
C ASN C 11 9.43 -8.91 23.47
N ILE C 12 8.10 -9.08 23.63
CA ILE C 12 7.30 -8.17 24.44
C ILE C 12 6.53 -8.94 25.52
N LEU C 13 5.61 -9.81 25.09
CA LEU C 13 4.80 -10.60 26.03
C LEU C 13 5.60 -11.54 26.93
N GLY C 14 6.74 -12.01 26.46
CA GLY C 14 7.66 -12.78 27.26
C GLY C 14 8.28 -12.07 28.45
N LEU C 15 8.28 -10.72 28.44
CA LEU C 15 8.98 -9.93 29.46
C LEU C 15 8.07 -9.07 30.32
N MET C 16 6.76 -9.18 30.12
CA MET C 16 5.77 -8.48 30.90
C MET C 16 4.72 -9.48 31.38
N PRO C 17 3.92 -9.10 32.38
CA PRO C 17 2.82 -9.96 32.86
C PRO C 17 1.80 -10.15 31.75
N GLN C 18 1.68 -11.40 31.29
CA GLN C 18 0.71 -11.75 30.23
C GLN C 18 -0.74 -11.66 30.72
N ALA C 19 -0.97 -12.16 31.92
CA ALA C 19 -2.27 -11.99 32.55
C ALA C 19 -2.05 -12.04 34.06
N ILE C 20 -3.01 -11.49 34.78
CA ILE C 20 -3.01 -11.52 36.24
C ILE C 20 -4.40 -11.89 36.75
N LEU C 21 -4.43 -12.86 37.67
CA LEU C 21 -5.65 -13.19 38.39
C LEU C 21 -5.59 -12.43 39.70
N SER C 22 -6.46 -11.44 39.81
CA SER C 22 -6.48 -10.55 40.94
C SER C 22 -7.82 -10.69 41.65
N SER C 23 -7.97 -9.90 42.70
CA SER C 23 -9.23 -9.88 43.43
C SER C 23 -10.22 -8.98 42.72
N GLU C 24 -11.49 -9.31 42.79
CA GLU C 24 -12.53 -8.39 42.33
C GLU C 24 -12.49 -7.09 43.13
N HIS C 25 -12.29 -7.20 44.45
CA HIS C 25 -12.35 -6.06 45.36
C HIS C 25 -11.01 -5.94 46.06
N GLY C 26 -10.29 -4.86 45.74
CA GLY C 26 -9.04 -4.48 46.45
C GLY C 26 -7.87 -5.36 46.07
N SER C 27 -7.02 -5.65 47.03
CA SER C 27 -5.87 -6.53 46.80
C SER C 27 -6.25 -7.98 47.09
N LEU C 28 -5.35 -8.90 46.78
CA LEU C 28 -5.62 -10.31 46.94
C LEU C 28 -4.91 -10.81 48.19
N ASN C 29 -5.64 -11.60 48.97
CA ASN C 29 -5.06 -12.23 50.16
C ASN C 29 -4.68 -13.65 49.80
N PRO C 30 -3.37 -13.97 49.72
CA PRO C 30 -2.99 -15.31 49.28
C PRO C 30 -3.31 -16.43 50.24
N GLN C 31 -3.69 -16.11 51.47
CA GLN C 31 -4.25 -17.14 52.38
C GLN C 31 -5.70 -17.46 52.04
N GLN C 32 -6.43 -16.50 51.49
CA GLN C 32 -7.81 -16.70 51.07
C GLN C 32 -7.88 -17.32 49.67
N LEU C 33 -7.00 -16.92 48.75
CA LEU C 33 -6.90 -17.53 47.41
C LEU C 33 -5.45 -17.91 47.18
N PRO C 34 -5.03 -19.07 47.72
CA PRO C 34 -3.64 -19.51 47.57
C PRO C 34 -3.30 -20.01 46.17
N GLU C 35 -2.01 -20.06 45.90
CA GLU C 35 -1.51 -20.41 44.59
C GLU C 35 -2.06 -21.77 44.14
N THR C 36 -2.17 -22.71 45.05
CA THR C 36 -2.72 -24.03 44.74
C THR C 36 -4.20 -23.98 44.32
N ALA C 37 -4.94 -22.95 44.68
CA ALA C 37 -6.33 -22.81 44.20
C ALA C 37 -6.46 -22.15 42.80
N VAL C 38 -5.34 -21.77 42.19
CA VAL C 38 -5.36 -21.19 40.86
C VAL C 38 -5.25 -22.34 39.88
N LYS C 39 -6.40 -22.78 39.36
CA LYS C 39 -6.40 -23.91 38.43
C LYS C 39 -7.06 -23.46 37.14
N LEU C 40 -6.29 -22.95 36.21
CA LEU C 40 -6.84 -22.32 35.05
C LEU C 40 -6.43 -23.04 33.77
N ASP C 41 -7.30 -23.07 32.78
CA ASP C 41 -6.95 -23.59 31.46
C ASP C 41 -5.99 -22.63 30.76
N GLY C 42 -5.05 -23.22 30.05
CA GLY C 42 -4.14 -22.52 29.17
C GLY C 42 -3.00 -21.79 29.88
N VAL C 43 -2.84 -22.09 31.17
CA VAL C 43 -1.91 -21.43 32.04
C VAL C 43 -0.83 -22.42 32.38
N ASN C 44 0.43 -22.07 32.08
CA ASN C 44 1.52 -23.04 32.36
C ASN C 44 2.33 -22.69 33.60
N ARG C 45 2.11 -21.53 34.20
CA ARG C 45 2.89 -21.09 35.35
C ARG C 45 2.17 -19.98 36.06
N VAL C 46 2.29 -19.98 37.38
CA VAL C 46 1.69 -18.99 38.26
C VAL C 46 2.76 -18.49 39.22
N ALA C 47 2.81 -17.17 39.48
CA ALA C 47 3.73 -16.58 40.48
C ALA C 47 3.05 -15.39 41.13
N PRO C 48 3.38 -15.12 42.41
CA PRO C 48 2.85 -13.91 43.03
C PRO C 48 3.42 -12.64 42.41
N ILE C 49 2.61 -11.59 42.40
CA ILE C 49 3.05 -10.30 41.95
C ILE C 49 2.32 -9.16 42.63
N THR C 50 3.05 -8.09 42.88
CA THR C 50 2.43 -6.81 43.17
C THR C 50 2.91 -5.86 42.09
N THR C 51 1.98 -5.23 41.41
CA THR C 51 2.33 -4.42 40.22
C THR C 51 1.36 -3.29 40.02
N GLY C 52 1.85 -2.22 39.45
CA GLY C 52 1.01 -1.12 39.01
C GLY C 52 1.87 -0.04 38.37
N ASP C 53 1.22 0.95 37.77
CA ASP C 53 1.93 2.13 37.30
C ASP C 53 2.45 2.91 38.50
N VAL C 54 3.67 3.44 38.36
CA VAL C 54 4.25 4.29 39.40
C VAL C 54 4.82 5.55 38.71
N VAL C 55 4.80 6.67 39.41
CA VAL C 55 5.45 7.86 38.93
C VAL C 55 6.79 7.90 39.61
N LEU C 56 7.82 8.15 38.81
CA LEU C 56 9.23 8.15 39.24
C LEU C 56 9.80 9.54 39.09
N GLN C 57 10.55 10.00 40.10
CA GLN C 57 11.28 11.24 40.03
C GLN C 57 12.69 10.99 40.54
N SER C 58 13.66 11.27 39.70
CA SER C 58 15.07 11.32 40.09
C SER C 58 15.48 12.76 40.34
N ALA C 59 16.76 12.97 40.61
CA ALA C 59 17.29 14.34 40.64
C ALA C 59 17.18 15.07 39.30
N ARG C 60 17.13 14.35 38.17
CA ARG C 60 17.16 14.99 36.87
C ARG C 60 15.91 14.88 36.04
N SER C 61 15.04 13.91 36.29
CA SER C 61 13.87 13.76 35.39
C SER C 61 12.76 12.99 36.07
N VAL C 62 11.72 12.74 35.29
CA VAL C 62 10.53 12.06 35.73
C VAL C 62 10.12 11.02 34.69
N ALA C 63 9.33 10.05 35.14
CA ALA C 63 8.82 9.03 34.24
C ALA C 63 7.65 8.28 34.84
N VAL C 64 6.90 7.59 33.99
CA VAL C 64 5.94 6.58 34.42
C VAL C 64 6.58 5.22 34.23
N GLY C 65 6.65 4.46 35.31
CA GLY C 65 7.16 3.07 35.28
C GLY C 65 6.10 2.03 35.55
N VAL C 66 6.43 0.78 35.21
CA VAL C 66 5.63 -0.35 35.61
C VAL C 66 6.44 -1.12 36.64
N MET C 67 5.94 -1.08 37.88
CA MET C 67 6.61 -1.74 38.99
C MET C 67 6.25 -3.20 39.01
N LEU C 68 7.26 -4.05 38.95
CA LEU C 68 7.09 -5.48 39.08
C LEU C 68 7.65 -5.90 40.44
N GLY C 69 6.74 -6.07 41.40
CA GLY C 69 7.06 -6.58 42.73
C GLY C 69 7.06 -8.07 42.74
N ILE C 70 8.25 -8.64 42.91
CA ILE C 70 8.48 -10.06 42.73
C ILE C 70 9.07 -10.67 44.01
N ASP C 71 8.87 -11.97 44.13
CA ASP C 71 9.61 -12.78 45.08
C ASP C 71 11.01 -12.92 44.46
N PRO C 72 12.02 -12.26 45.08
CA PRO C 72 13.38 -12.20 44.49
C PRO C 72 14.04 -13.59 44.34
N ALA C 73 13.58 -14.56 45.13
CA ALA C 73 14.07 -15.92 45.03
C ALA C 73 13.54 -16.71 43.81
N GLN C 74 12.50 -16.24 43.13
CA GLN C 74 12.07 -16.91 41.91
C GLN C 74 12.63 -16.23 40.65
N LYS C 75 13.06 -17.05 39.69
CA LYS C 75 13.44 -16.60 38.38
C LYS C 75 12.27 -15.90 37.66
N ASP C 76 12.53 -14.70 37.16
CA ASP C 76 11.60 -13.91 36.35
C ASP C 76 12.12 -14.00 34.92
N PRO C 77 11.24 -13.82 33.92
CA PRO C 77 11.78 -13.73 32.56
C PRO C 77 12.92 -12.69 32.38
N LEU C 78 12.94 -11.64 33.20
CA LEU C 78 13.98 -10.61 33.12
C LEU C 78 15.30 -11.00 33.82
N THR C 79 15.28 -12.06 34.64
CA THR C 79 16.45 -12.45 35.44
C THR C 79 17.70 -12.64 34.60
N PRO C 80 17.62 -13.31 33.44
CA PRO C 80 18.83 -13.48 32.62
C PRO C 80 19.36 -12.19 32.01
N TYR C 81 18.58 -11.10 32.04
CA TYR C 81 19.03 -9.84 31.46
C TYR C 81 19.59 -8.84 32.47
N LEU C 82 19.71 -9.23 33.74
CA LEU C 82 20.24 -8.34 34.76
C LEU C 82 21.69 -8.00 34.45
N VAL C 83 22.07 -6.76 34.68
CA VAL C 83 23.44 -6.32 34.38
C VAL C 83 24.20 -6.19 35.70
N ASN C 84 25.06 -7.17 36.00
CA ASN C 84 26.02 -7.08 37.12
C ASN C 84 25.28 -6.76 38.42
N VAL C 85 24.20 -7.51 38.65
CA VAL C 85 23.45 -7.33 39.88
C VAL C 85 22.67 -8.59 40.17
N LYS C 86 22.61 -8.95 41.44
CA LYS C 86 21.86 -10.11 41.86
C LYS C 86 20.42 -9.75 42.20
N GLN C 87 19.51 -10.50 41.65
CA GLN C 87 18.11 -10.31 41.95
C GLN C 87 17.83 -10.48 43.46
N THR C 88 18.55 -11.38 44.12
CA THR C 88 18.37 -11.59 45.55
C THR C 88 18.77 -10.40 46.43
N ASP C 89 19.43 -9.36 45.86
CA ASP C 89 19.62 -8.11 46.59
C ASP C 89 18.29 -7.33 46.80
N LEU C 90 17.20 -7.71 46.11
CA LEU C 90 15.89 -7.14 46.39
C LEU C 90 15.28 -7.71 47.69
N GLU C 91 15.94 -7.47 48.82
CA GLU C 91 15.45 -7.97 50.12
C GLU C 91 14.31 -7.09 50.62
N PRO C 92 13.32 -7.70 51.29
CA PRO C 92 12.20 -6.93 51.75
C PRO C 92 12.62 -5.93 52.83
N GLY C 93 12.06 -4.75 52.76
CA GLY C 93 12.40 -3.64 53.64
C GLY C 93 13.63 -2.85 53.27
N LYS C 94 14.36 -3.23 52.22
CA LYS C 94 15.48 -2.44 51.75
C LYS C 94 15.08 -1.37 50.72
N TYR C 95 13.95 -1.53 50.07
CA TYR C 95 13.52 -0.59 49.06
C TYR C 95 14.54 -0.44 47.93
N ASN C 96 15.14 -1.55 47.53
CA ASN C 96 16.01 -1.56 46.38
C ASN C 96 15.17 -1.68 45.10
N VAL C 97 15.74 -1.21 44.00
CA VAL C 97 15.11 -1.32 42.68
C VAL C 97 16.15 -1.59 41.60
N ILE C 98 15.78 -2.48 40.68
CA ILE C 98 16.51 -2.77 39.47
C ILE C 98 15.69 -2.18 38.27
N LEU C 99 16.25 -1.16 37.60
CA LEU C 99 15.53 -0.45 36.56
C LEU C 99 15.82 -0.98 35.18
N GLY C 100 14.86 -0.95 34.27
CA GLY C 100 15.19 -1.11 32.85
C GLY C 100 16.29 -0.10 32.49
N GLU C 101 17.28 -0.56 31.71
CA GLU C 101 18.45 0.25 31.36
C GLU C 101 18.07 1.60 30.73
N GLN C 102 17.05 1.62 29.87
N GLN C 102 17.06 1.62 29.86
CA GLN C 102 16.65 2.84 29.18
CA GLN C 102 16.64 2.84 29.16
C GLN C 102 15.92 3.78 30.14
C GLN C 102 15.92 3.79 30.13
N LEU C 103 15.03 3.24 30.97
CA LEU C 103 14.43 4.02 32.05
C LEU C 103 15.49 4.72 32.93
N ALA C 104 16.52 3.98 33.29
CA ALA C 104 17.59 4.49 34.15
C ALA C 104 18.32 5.63 33.46
N SER C 105 18.61 5.44 32.17
CA SER C 105 19.31 6.44 31.39
C SER C 105 18.50 7.70 31.26
N GLN C 106 17.22 7.57 31.00
CA GLN C 106 16.32 8.73 30.88
C GLN C 106 16.12 9.48 32.21
N LEU C 107 16.19 8.76 33.32
CA LEU C 107 16.17 9.40 34.64
C LEU C 107 17.53 9.94 35.02
N GLY C 108 18.60 9.64 34.26
CA GLY C 108 19.94 10.09 34.60
C GLY C 108 20.44 9.55 35.94
N VAL C 109 20.08 8.29 36.27
CA VAL C 109 20.51 7.72 37.51
C VAL C 109 21.50 6.62 37.31
N ASN C 110 22.28 6.39 38.35
CA ASN C 110 23.25 5.29 38.42
C ASN C 110 23.04 4.59 39.75
N ARG C 111 23.51 3.36 39.84
CA ARG C 111 23.38 2.58 41.05
C ARG C 111 24.04 3.31 42.18
N GLY C 112 23.39 3.28 43.33
CA GLY C 112 23.79 4.13 44.46
C GLY C 112 22.91 5.35 44.60
N ASP C 113 22.22 5.77 43.53
CA ASP C 113 21.29 6.90 43.64
C ASP C 113 19.95 6.42 44.17
N GLN C 114 19.16 7.37 44.63
CA GLN C 114 17.78 7.12 45.00
C GLN C 114 16.82 7.77 44.01
N ILE C 115 15.62 7.21 43.90
CA ILE C 115 14.57 7.81 43.15
C ILE C 115 13.30 7.77 43.97
N ARG C 116 12.47 8.78 43.78
CA ARG C 116 11.17 8.86 44.44
C ARG C 116 10.19 8.06 43.61
N VAL C 117 9.47 7.16 44.26
CA VAL C 117 8.53 6.26 43.58
C VAL C 117 7.16 6.51 44.22
N MET C 118 6.18 6.90 43.39
CA MET C 118 4.90 7.43 43.87
C MET C 118 3.73 6.69 43.26
N VAL C 119 2.75 6.40 44.12
CA VAL C 119 1.41 5.96 43.66
C VAL C 119 0.51 6.95 44.41
N GLY C 120 0.00 7.96 43.72
CA GLY C 120 -0.70 9.11 44.35
C GLY C 120 0.13 9.70 45.47
N ALA C 121 -0.46 9.78 46.66
CA ALA C 121 0.17 10.30 47.85
C ALA C 121 1.14 9.33 48.51
N SER C 122 1.05 8.04 48.21
CA SER C 122 1.97 7.06 48.79
C SER C 122 3.36 7.21 48.08
N GLN C 123 4.41 7.52 48.86
N GLN C 123 4.42 7.51 48.84
CA GLN C 123 5.73 7.63 48.28
CA GLN C 123 5.73 7.76 48.21
C GLN C 123 6.79 6.94 49.09
C GLN C 123 6.86 7.22 49.02
N ARG C 124 7.79 6.46 48.36
N ARG C 124 7.78 6.53 48.34
CA ARG C 124 9.00 5.98 48.99
CA ARG C 124 8.98 6.05 49.01
C ARG C 124 10.20 6.30 48.13
C ARG C 124 10.19 6.31 48.13
N LEU C 125 11.34 6.59 48.76
CA LEU C 125 12.62 6.58 48.08
C LEU C 125 13.09 5.15 47.90
N PHE C 126 13.39 4.76 46.65
CA PHE C 126 13.98 3.46 46.38
C PHE C 126 15.44 3.64 46.01
N ASN C 127 16.24 2.62 46.28
CA ASN C 127 17.69 2.67 46.03
C ASN C 127 18.00 1.92 44.76
N VAL C 128 18.55 2.60 43.78
CA VAL C 128 18.89 1.94 42.53
C VAL C 128 20.12 1.09 42.74
N ILE C 129 20.00 -0.22 42.48
CA ILE C 129 21.11 -1.18 42.64
C ILE C 129 21.61 -1.77 41.35
N GLY C 130 20.93 -1.48 40.25
CA GLY C 130 21.38 -1.96 38.95
C GLY C 130 20.29 -1.86 37.93
N THR C 131 20.53 -2.50 36.81
CA THR C 131 19.63 -2.49 35.70
C THR C 131 19.49 -3.85 35.07
N PHE C 132 18.49 -3.98 34.21
CA PHE C 132 18.40 -5.07 33.24
C PHE C 132 18.43 -4.49 31.84
N ALA C 133 18.84 -5.28 30.87
CA ALA C 133 18.92 -4.81 29.47
C ALA C 133 18.56 -6.00 28.60
N ALA C 134 17.31 -6.02 28.19
CA ALA C 134 16.82 -7.06 27.29
C ALA C 134 16.75 -6.62 25.84
N ASN C 135 17.13 -5.39 25.53
CA ASN C 135 16.87 -4.76 24.23
C ASN C 135 15.39 -4.97 23.75
N SER C 136 14.52 -4.65 24.68
CA SER C 136 13.11 -4.72 24.48
C SER C 136 12.52 -3.44 25.00
N GLU C 137 11.33 -3.11 24.51
CA GLU C 137 10.65 -1.93 25.01
C GLU C 137 10.52 -1.91 26.54
N VAL C 138 10.45 -3.06 27.19
CA VAL C 138 10.37 -3.05 28.67
C VAL C 138 11.58 -2.42 29.37
N ASP C 139 12.73 -2.35 28.70
CA ASP C 139 13.87 -1.64 29.20
C ASP C 139 13.57 -0.15 29.50
N GLY C 140 12.57 0.39 28.81
CA GLY C 140 12.17 1.75 28.97
C GLY C 140 11.12 2.01 30.03
N TYR C 141 10.57 0.96 30.66
CA TYR C 141 9.54 1.24 31.67
C TYR C 141 9.35 0.28 32.83
N GLU C 142 9.76 -0.99 32.68
CA GLU C 142 9.66 -1.92 33.77
C GLU C 142 10.77 -1.75 34.78
N MET C 143 10.45 -2.08 36.01
CA MET C 143 11.44 -2.11 37.07
C MET C 143 11.11 -3.25 38.03
N LEU C 144 12.13 -3.84 38.64
CA LEU C 144 11.96 -4.95 39.57
C LEU C 144 12.21 -4.47 40.98
N VAL C 145 11.28 -4.80 41.87
CA VAL C 145 11.40 -4.50 43.34
C VAL C 145 10.95 -5.73 44.10
N ASN C 146 11.24 -5.74 45.39
CA ASN C 146 10.73 -6.76 46.28
C ASN C 146 9.21 -6.64 46.41
N ILE C 147 8.54 -7.78 46.27
CA ILE C 147 7.09 -7.82 46.32
C ILE C 147 6.47 -7.16 47.58
N GLU C 148 7.10 -7.38 48.73
CA GLU C 148 6.60 -6.79 49.98
C GLU C 148 6.76 -5.29 49.98
N ASP C 149 7.89 -4.78 49.50
CA ASP C 149 8.08 -3.35 49.37
C ASP C 149 7.02 -2.73 48.42
N ALA C 150 6.73 -3.45 47.32
CA ALA C 150 5.73 -2.95 46.40
C ALA C 150 4.33 -2.96 47.03
N SER C 151 4.02 -4.01 47.79
CA SER C 151 2.72 -4.09 48.49
C SER C 151 2.53 -2.96 49.50
N ARG C 152 3.62 -2.59 50.16
CA ARG C 152 3.61 -1.47 51.12
C ARG C 152 3.38 -0.15 50.36
N LEU C 153 4.08 0.04 49.24
CA LEU C 153 3.85 1.22 48.45
C LEU C 153 2.40 1.33 47.97
N MET C 154 1.82 0.21 47.59
CA MET C 154 0.43 0.18 47.12
C MET C 154 -0.62 0.32 48.26
N ARG C 155 -0.15 0.36 49.51
N ARG C 155 -0.16 0.36 49.51
CA ARG C 155 -0.98 0.44 50.72
CA ARG C 155 -0.99 0.45 50.72
C ARG C 155 -1.85 -0.78 50.88
C ARG C 155 -1.87 -0.78 50.87
N TYR C 156 -1.35 -1.96 50.51
CA TYR C 156 -2.11 -3.19 50.71
C TYR C 156 -2.00 -3.61 52.16
N PRO C 157 -3.02 -4.31 52.70
CA PRO C 157 -2.84 -4.94 54.03
C PRO C 157 -1.64 -5.85 54.02
N ALA C 158 -0.97 -6.00 55.17
CA ALA C 158 0.22 -6.86 55.26
C ALA C 158 -0.06 -8.25 54.74
N GLY C 159 0.85 -8.80 53.95
CA GLY C 159 0.70 -10.08 53.30
C GLY C 159 -0.10 -10.11 51.99
N ASN C 160 -0.87 -9.07 51.70
CA ASN C 160 -1.61 -9.04 50.43
C ASN C 160 -0.73 -8.74 49.22
N ILE C 161 -1.23 -9.09 48.04
CA ILE C 161 -0.53 -8.87 46.77
C ILE C 161 -1.53 -8.41 45.71
N THR C 162 -1.04 -7.97 44.57
CA THR C 162 -1.92 -7.61 43.48
C THR C 162 -2.67 -8.85 43.01
N GLY C 163 -1.95 -9.94 42.82
CA GLY C 163 -2.56 -11.17 42.39
C GLY C 163 -1.54 -12.19 41.91
N TRP C 164 -2.04 -13.13 41.13
CA TRP C 164 -1.27 -14.23 40.61
C TRP C 164 -0.98 -13.96 39.14
N ARG C 165 0.29 -13.66 38.86
CA ARG C 165 0.76 -13.52 37.50
C ARG C 165 0.65 -14.86 36.81
N LEU C 166 0.23 -14.85 35.55
CA LEU C 166 0.01 -16.07 34.79
C LEU C 166 0.88 -16.04 33.55
N TRP C 167 1.40 -17.22 33.18
CA TRP C 167 2.05 -17.42 31.91
C TRP C 167 1.17 -18.33 31.10
N LEU C 168 1.01 -18.02 29.82
CA LEU C 168 0.02 -18.68 28.98
C LEU C 168 0.66 -19.40 27.84
N ASP C 169 0.13 -20.57 27.50
CA ASP C 169 0.62 -21.32 26.38
C ASP C 169 0.39 -20.55 25.11
N GLU C 170 -0.75 -19.87 25.04
CA GLU C 170 -1.13 -19.17 23.82
C GLU C 170 -1.62 -17.79 24.19
N PRO C 171 -0.69 -16.87 24.50
CA PRO C 171 -1.07 -15.54 24.97
C PRO C 171 -1.89 -14.73 23.92
N LEU C 172 -1.86 -15.09 22.63
CA LEU C 172 -2.73 -14.40 21.67
C LEU C 172 -4.20 -14.78 21.77
N LYS C 173 -4.52 -15.79 22.57
CA LYS C 173 -5.89 -16.25 22.77
C LYS C 173 -6.50 -15.77 24.07
N VAL C 174 -5.93 -14.70 24.63
CA VAL C 174 -6.45 -14.11 25.86
C VAL C 174 -7.93 -13.78 25.84
N ASP C 175 -8.49 -13.44 24.67
N ASP C 175 -8.49 -13.45 24.68
CA ASP C 175 -9.94 -13.13 24.66
CA ASP C 175 -9.91 -13.14 24.59
C ASP C 175 -10.76 -14.36 25.06
C ASP C 175 -10.75 -14.35 25.05
N SER C 176 -10.51 -15.51 24.44
CA SER C 176 -11.14 -16.75 24.84
C SER C 176 -10.80 -17.19 26.27
N LEU C 177 -9.51 -17.13 26.62
CA LEU C 177 -9.07 -17.59 27.97
C LEU C 177 -9.70 -16.79 29.08
N SER C 178 -9.95 -15.51 28.86
CA SER C 178 -10.52 -14.64 29.88
C SER C 178 -11.96 -15.03 30.27
N GLN C 179 -12.61 -15.89 29.48
CA GLN C 179 -14.01 -16.29 29.70
C GLN C 179 -14.16 -17.51 30.61
N GLN C 180 -13.05 -18.16 30.94
CA GLN C 180 -13.08 -19.42 31.65
C GLN C 180 -13.55 -19.26 33.08
N LYS C 181 -13.82 -20.38 33.74
CA LYS C 181 -14.23 -20.35 35.13
C LYS C 181 -13.07 -19.88 36.00
N LEU C 182 -13.33 -18.87 36.81
CA LEU C 182 -12.32 -18.30 37.71
C LEU C 182 -12.74 -18.58 39.16
N PRO C 183 -11.78 -18.60 40.09
CA PRO C 183 -12.15 -18.65 41.51
C PRO C 183 -13.11 -17.56 41.94
N GLU C 184 -13.97 -17.85 42.89
CA GLU C 184 -15.03 -16.87 43.29
C GLU C 184 -14.41 -15.58 43.78
N GLY C 185 -14.92 -14.43 43.35
CA GLY C 185 -14.39 -13.14 43.75
C GLY C 185 -13.03 -12.75 43.18
N SER C 186 -12.58 -13.49 42.15
CA SER C 186 -11.34 -13.16 41.46
C SER C 186 -11.72 -12.59 40.11
N LYS C 187 -10.77 -11.92 39.47
CA LYS C 187 -10.96 -11.48 38.12
C LYS C 187 -9.70 -11.55 37.29
N TRP C 188 -9.92 -11.55 35.99
CA TRP C 188 -8.87 -11.71 35.01
C TRP C 188 -8.63 -10.38 34.35
N GLN C 189 -7.36 -10.01 34.22
CA GLN C 189 -6.94 -8.89 33.37
C GLN C 189 -5.73 -9.41 32.61
N ASP C 190 -5.53 -8.89 31.39
CA ASP C 190 -4.40 -9.33 30.58
C ASP C 190 -3.70 -8.18 29.85
N TRP C 191 -2.65 -8.56 29.13
CA TRP C 191 -1.75 -7.67 28.42
C TRP C 191 -2.40 -6.72 27.42
N ARG C 192 -3.62 -7.04 26.96
CA ARG C 192 -4.37 -6.11 26.13
C ARG C 192 -4.63 -4.74 26.76
N ASP C 193 -4.66 -4.70 28.10
CA ASP C 193 -4.76 -3.47 28.83
C ASP C 193 -3.60 -2.51 28.56
N ARG C 194 -2.43 -3.04 28.19
CA ARG C 194 -1.29 -2.19 27.86
C ARG C 194 -0.92 -2.17 26.40
N LYS C 195 -1.07 -3.29 25.69
CA LYS C 195 -0.61 -3.39 24.29
C LYS C 195 -1.78 -3.73 23.35
N GLY C 196 -2.94 -3.12 23.59
CA GLY C 196 -4.12 -3.42 22.81
C GLY C 196 -3.99 -3.20 21.32
N GLU C 197 -3.23 -2.18 20.92
CA GLU C 197 -2.99 -1.93 19.51
C GLU C 197 -2.24 -3.04 18.82
N LEU C 198 -1.35 -3.71 19.53
CA LEU C 198 -0.66 -4.85 18.92
C LEU C 198 -1.59 -6.04 18.79
N PHE C 199 -2.45 -6.24 19.78
CA PHE C 199 -3.52 -7.26 19.69
C PHE C 199 -4.39 -7.01 18.44
N GLN C 200 -4.87 -5.78 18.27
N GLN C 200 -4.86 -5.78 18.27
CA GLN C 200 -5.68 -5.47 17.09
CA GLN C 200 -5.69 -5.44 17.09
C GLN C 200 -4.92 -5.72 15.77
C GLN C 200 -4.91 -5.71 15.78
N ALA C 201 -3.61 -5.42 15.79
CA ALA C 201 -2.77 -5.66 14.61
C ALA C 201 -2.62 -7.13 14.28
N VAL C 202 -2.55 -8.01 15.30
CA VAL C 202 -2.53 -9.45 15.05
C VAL C 202 -3.76 -9.83 14.24
N ARG C 203 -4.93 -9.35 14.69
CA ARG C 203 -6.18 -9.68 14.04
C ARG C 203 -6.19 -9.12 12.58
N MET C 204 -5.77 -7.87 12.43
CA MET C 204 -5.68 -7.25 11.10
C MET C 204 -4.80 -8.06 10.12
N GLU C 205 -3.60 -8.49 10.56
CA GLU C 205 -2.70 -9.23 9.68
C GLU C 205 -3.22 -10.60 9.27
N LYS C 206 -3.89 -11.28 10.20
CA LYS C 206 -4.61 -12.51 9.85
C LYS C 206 -5.62 -12.29 8.69
N ASN C 207 -6.49 -11.29 8.87
CA ASN C 207 -7.44 -10.88 7.83
C ASN C 207 -6.74 -10.54 6.48
N MET C 208 -5.63 -9.79 6.53
CA MET C 208 -4.84 -9.46 5.32
C MET C 208 -4.27 -10.66 4.60
N ALA C 209 -3.76 -11.61 5.36
CA ALA C 209 -3.08 -12.78 4.85
C ALA C 209 -4.01 -13.88 4.30
N ALA C 210 -5.33 -13.76 4.51
CA ALA C 210 -6.31 -14.79 4.14
C ALA C 210 -6.26 -15.17 2.68
N ALA C 211 -6.06 -14.20 1.80
CA ALA C 211 -5.87 -14.48 0.40
C ALA C 211 -4.54 -15.22 0.08
N LEU C 212 -3.56 -15.22 0.95
CA LEU C 212 -2.22 -15.79 0.65
C LEU C 212 -1.95 -17.19 1.21
N MET D 1 7.17 20.45 44.24
CA MET D 1 8.47 20.48 43.48
C MET D 1 8.23 21.19 42.08
N ASN D 2 8.69 22.43 41.99
CA ASN D 2 8.86 23.06 40.71
C ASN D 2 9.92 22.20 40.03
N GLY D 3 10.79 21.48 40.78
CA GLY D 3 11.73 20.44 40.17
C GLY D 3 11.03 19.38 39.28
N PHE D 4 9.97 18.81 39.80
CA PHE D 4 9.12 17.85 39.08
C PHE D 4 8.57 18.55 37.84
N GLU D 5 8.06 19.76 38.03
CA GLU D 5 7.44 20.54 36.96
C GLU D 5 8.41 20.94 35.91
N ARG D 6 9.58 21.43 36.31
CA ARG D 6 10.62 21.82 35.36
C ARG D 6 11.04 20.63 34.51
N GLU D 7 11.24 19.49 35.18
CA GLU D 7 11.70 18.27 34.51
C GLU D 7 10.67 17.74 33.53
N LEU D 8 9.42 17.72 33.98
CA LEU D 8 8.32 17.31 33.12
C LEU D 8 8.28 18.18 31.85
N GLN D 9 8.36 19.49 32.03
CA GLN D 9 8.31 20.45 30.91
C GLN D 9 9.46 20.32 29.93
N ASN D 10 10.68 20.30 30.47
CA ASN D 10 11.90 20.31 29.64
C ASN D 10 12.21 18.96 28.99
N ASN D 11 12.04 17.88 29.72
CA ASN D 11 12.51 16.57 29.27
C ASN D 11 11.49 15.74 28.51
N ILE D 12 10.20 16.08 28.66
CA ILE D 12 9.13 15.30 28.04
C ILE D 12 8.22 16.20 27.17
N LEU D 13 7.54 17.14 27.80
CA LEU D 13 6.63 18.07 27.08
C LEU D 13 7.27 18.94 26.01
N GLY D 14 8.55 19.25 26.18
CA GLY D 14 9.34 19.91 25.17
C GLY D 14 9.52 19.14 23.86
N LEU D 15 9.37 17.82 23.89
CA LEU D 15 9.72 16.94 22.77
C LEU D 15 8.55 16.18 22.16
N MET D 16 7.36 16.45 22.66
CA MET D 16 6.13 15.87 22.14
C MET D 16 5.14 16.99 21.90
N PRO D 17 4.09 16.73 21.10
CA PRO D 17 3.01 17.71 20.90
C PRO D 17 2.32 17.99 22.24
N GLN D 18 2.42 19.23 22.66
CA GLN D 18 1.79 19.69 23.89
C GLN D 18 0.27 19.75 23.77
N ALA D 19 -0.21 20.25 22.63
CA ALA D 19 -1.61 20.27 22.34
C ALA D 19 -1.76 20.31 20.83
N ILE D 20 -2.91 19.86 20.36
CA ILE D 20 -3.28 19.91 18.96
C ILE D 20 -4.70 20.45 18.80
N LEU D 21 -4.86 21.41 17.87
CA LEU D 21 -6.15 21.89 17.47
C LEU D 21 -6.51 21.14 16.19
N SER D 22 -7.47 20.24 16.31
CA SER D 22 -7.83 19.36 15.22
C SER D 22 -9.29 19.63 14.84
N SER D 23 -9.77 18.88 13.86
CA SER D 23 -11.12 18.97 13.43
C SER D 23 -12.01 18.16 14.35
N GLU D 24 -13.23 18.63 14.56
CA GLU D 24 -14.23 17.83 15.28
C GLU D 24 -14.48 16.51 14.52
N HIS D 25 -14.58 16.58 13.19
CA HIS D 25 -14.91 15.42 12.36
C HIS D 25 -13.78 15.17 11.37
N GLY D 26 -13.08 14.06 11.57
CA GLY D 26 -12.09 13.56 10.61
C GLY D 26 -10.80 14.36 10.64
N SER D 27 -10.19 14.56 9.48
CA SER D 27 -8.97 15.34 9.36
C SER D 27 -9.29 16.82 9.16
N LEU D 28 -8.26 17.63 9.25
CA LEU D 28 -8.42 19.07 9.16
C LEU D 28 -7.97 19.53 7.79
N ASN D 29 -8.79 20.39 7.19
CA ASN D 29 -8.47 20.99 5.92
C ASN D 29 -7.89 22.37 6.16
N PRO D 30 -6.58 22.57 5.92
CA PRO D 30 -5.99 23.85 6.23
C PRO D 30 -6.46 25.02 5.36
N GLN D 31 -7.17 24.76 4.27
CA GLN D 31 -7.85 25.81 3.52
C GLN D 31 -9.14 26.26 4.22
N GLN D 32 -9.78 25.37 4.98
CA GLN D 32 -10.95 25.72 5.75
C GLN D 32 -10.56 26.37 7.10
N LEU D 33 -9.54 25.85 7.78
CA LEU D 33 -9.06 26.43 9.03
C LEU D 33 -7.54 26.64 8.89
N PRO D 34 -7.13 27.74 8.26
CA PRO D 34 -5.70 28.00 8.04
C PRO D 34 -4.94 28.38 9.31
N GLU D 35 -3.63 28.23 9.22
CA GLU D 35 -2.76 28.48 10.35
C GLU D 35 -2.93 29.85 10.93
N THR D 36 -3.16 30.83 10.05
CA THR D 36 -3.36 32.20 10.50
C THR D 36 -4.64 32.38 11.28
N ALA D 37 -5.63 31.49 11.14
CA ALA D 37 -6.83 31.58 11.98
C ALA D 37 -6.68 30.96 13.38
N VAL D 38 -5.53 30.38 13.68
CA VAL D 38 -5.31 29.84 15.01
C VAL D 38 -4.74 30.94 15.91
N LYS D 39 -5.60 31.67 16.61
CA LYS D 39 -5.19 32.72 17.51
C LYS D 39 -5.74 32.39 18.88
N LEU D 40 -4.94 31.73 19.69
CA LEU D 40 -5.41 31.22 20.97
C LEU D 40 -4.62 31.84 22.10
N ASP D 41 -5.21 31.98 23.27
CA ASP D 41 -4.48 32.43 24.45
C ASP D 41 -3.52 31.35 24.92
N GLY D 42 -2.35 31.79 25.36
CA GLY D 42 -1.33 30.95 25.90
C GLY D 42 -0.53 30.13 24.93
N VAL D 43 -0.70 30.38 23.64
CA VAL D 43 -0.09 29.61 22.56
C VAL D 43 0.95 30.49 21.89
N ASN D 44 2.20 30.03 21.87
CA ASN D 44 3.27 30.88 21.29
C ASN D 44 3.75 30.41 19.94
N ARG D 45 3.27 29.28 19.45
CA ARG D 45 3.70 28.77 18.16
C ARG D 45 2.69 27.72 17.69
N VAL D 46 2.46 27.70 16.38
CA VAL D 46 1.57 26.80 15.71
C VAL D 46 2.34 26.18 14.50
N ALA D 47 2.17 24.88 14.28
CA ALA D 47 2.72 24.20 13.11
C ALA D 47 1.81 23.09 12.66
N PRO D 48 1.81 22.79 11.35
CA PRO D 48 1.05 21.64 10.90
C PRO D 48 1.61 20.34 11.37
N ILE D 49 0.71 19.37 11.59
CA ILE D 49 1.11 18.05 11.94
C ILE D 49 0.12 17.00 11.48
N THR D 50 0.65 15.86 11.07
CA THR D 50 -0.14 14.65 10.95
C THR D 50 0.46 13.66 11.88
N THR D 51 -0.35 13.13 12.78
CA THR D 51 0.18 12.29 13.86
C THR D 51 -0.83 11.30 14.34
N GLY D 52 -0.35 10.18 14.85
CA GLY D 52 -1.18 9.20 15.54
C GLY D 52 -0.31 8.01 15.88
N ASP D 53 -0.90 7.07 16.60
CA ASP D 53 -0.21 5.81 16.91
C ASP D 53 -0.06 5.01 15.63
N VAL D 54 1.08 4.35 15.49
CA VAL D 54 1.33 3.46 14.37
C VAL D 54 1.89 2.14 14.91
N VAL D 55 1.57 1.03 14.25
CA VAL D 55 2.18 -0.22 14.56
C VAL D 55 3.31 -0.40 13.56
N LEU D 56 4.46 -0.78 14.12
CA LEU D 56 5.73 -0.94 13.37
C LEU D 56 6.14 -2.37 13.39
N GLN D 57 6.57 -2.88 12.23
CA GLN D 57 7.14 -4.22 12.13
C GLN D 57 8.40 -4.14 11.32
N SER D 58 9.50 -4.53 11.92
CA SER D 58 10.79 -4.70 11.22
C SER D 58 10.99 -6.17 10.90
N ALA D 59 12.13 -6.51 10.37
CA ALA D 59 12.52 -7.93 10.22
C ALA D 59 12.61 -8.67 11.53
N ARG D 60 12.87 -7.99 12.65
CA ARG D 60 13.12 -8.68 13.91
C ARG D 60 12.09 -8.45 14.99
N SER D 61 11.31 -7.37 14.96
CA SER D 61 10.39 -7.14 16.07
C SER D 61 9.25 -6.25 15.66
N VAL D 62 8.44 -5.92 16.65
CA VAL D 62 7.27 -5.07 16.52
C VAL D 62 7.24 -4.02 17.60
N ALA D 63 6.52 -2.93 17.35
CA ALA D 63 6.35 -1.90 18.36
C ALA D 63 5.17 -0.98 18.03
N VAL D 64 4.72 -0.24 19.03
CA VAL D 64 3.81 0.86 18.83
C VAL D 64 4.63 2.16 18.87
N GLY D 65 4.53 2.95 17.83
CA GLY D 65 5.18 4.26 17.73
C GLY D 65 4.20 5.41 17.70
N VAL D 66 4.75 6.62 17.86
CA VAL D 66 4.02 7.83 17.65
C VAL D 66 4.63 8.50 16.45
N MET D 67 3.86 8.52 15.35
CA MET D 67 4.31 9.12 14.10
C MET D 67 4.12 10.63 14.18
N LEU D 68 5.21 11.37 14.00
CA LEU D 68 5.17 12.81 13.87
C LEU D 68 5.43 13.16 12.41
N GLY D 69 4.35 13.47 11.70
CA GLY D 69 4.40 13.89 10.29
C GLY D 69 4.57 15.40 10.26
N ILE D 70 5.75 15.85 9.82
CA ILE D 70 6.14 17.23 9.89
C ILE D 70 6.51 17.78 8.52
N ASP D 71 6.46 19.09 8.38
CA ASP D 71 7.08 19.76 7.26
C ASP D 71 8.58 19.72 7.57
N PRO D 72 9.36 18.93 6.83
CA PRO D 72 10.79 18.72 7.13
C PRO D 72 11.64 20.01 7.06
N ALA D 73 11.15 21.02 6.34
CA ALA D 73 11.82 22.32 6.30
C ALA D 73 11.64 23.18 7.56
N GLN D 74 10.71 22.83 8.44
CA GLN D 74 10.56 23.59 9.72
C GLN D 74 11.26 22.80 10.87
N LYS D 75 11.93 23.54 11.71
CA LYS D 75 12.61 23.01 12.90
C LYS D 75 11.57 22.40 13.86
N ASP D 76 11.81 21.17 14.28
CA ASP D 76 11.04 20.48 15.33
C ASP D 76 11.88 20.54 16.60
N PRO D 77 11.25 20.47 17.77
CA PRO D 77 12.08 20.36 18.98
C PRO D 77 13.12 19.20 18.93
N LEU D 78 12.83 18.12 18.18
CA LEU D 78 13.78 17.01 18.03
C LEU D 78 14.95 17.27 17.07
N THR D 79 14.84 18.31 16.24
CA THR D 79 15.83 18.60 15.17
C THR D 79 17.25 18.66 15.70
N PRO D 80 17.50 19.35 16.83
CA PRO D 80 18.88 19.37 17.37
C PRO D 80 19.40 18.03 17.85
N TYR D 81 18.55 17.03 18.03
CA TYR D 81 18.98 15.74 18.51
C TYR D 81 19.13 14.67 17.41
N LEU D 82 19.01 15.05 16.15
CA LEU D 82 19.20 14.12 15.05
C LEU D 82 20.63 13.61 15.03
N VAL D 83 20.81 12.33 14.77
CA VAL D 83 22.15 11.74 14.75
C VAL D 83 22.58 11.57 13.30
N ASN D 84 23.46 12.46 12.81
CA ASN D 84 24.13 12.30 11.53
C ASN D 84 23.13 12.08 10.42
N VAL D 85 22.10 12.93 10.39
CA VAL D 85 21.09 12.85 9.35
C VAL D 85 20.41 14.16 9.24
N LYS D 86 20.11 14.56 8.02
CA LYS D 86 19.41 15.81 7.76
C LYS D 86 17.90 15.58 7.74
N GLN D 87 17.19 16.40 8.48
CA GLN D 87 15.75 16.34 8.51
C GLN D 87 15.16 16.54 7.10
N THR D 88 15.79 17.37 6.28
CA THR D 88 15.34 17.61 4.92
C THR D 88 15.42 16.39 4.00
N ASP D 89 16.08 15.31 4.41
CA ASP D 89 15.96 14.04 3.68
C ASP D 89 14.55 13.41 3.77
N LEU D 90 13.69 13.88 4.69
CA LEU D 90 12.29 13.47 4.71
C LEU D 90 11.47 14.15 3.60
N GLU D 91 11.82 13.87 2.35
CA GLU D 91 11.13 14.45 1.20
C GLU D 91 9.81 13.72 0.95
N PRO D 92 8.78 14.49 0.53
CA PRO D 92 7.49 13.85 0.32
C PRO D 92 7.53 12.84 -0.80
N GLY D 93 6.86 11.72 -0.59
CA GLY D 93 6.85 10.61 -1.52
C GLY D 93 8.07 9.68 -1.46
N LYS D 94 9.02 9.94 -0.58
CA LYS D 94 10.14 9.03 -0.39
C LYS D 94 9.88 8.05 0.73
N TYR D 95 8.94 8.34 1.61
CA TYR D 95 8.65 7.40 2.69
C TYR D 95 9.89 7.09 3.55
N ASN D 96 10.68 8.11 3.82
CA ASN D 96 11.79 8.00 4.76
C ASN D 96 11.26 8.19 6.18
N VAL D 97 11.99 7.65 7.14
CA VAL D 97 11.69 7.81 8.55
C VAL D 97 12.95 7.94 9.38
N ILE D 98 12.88 8.85 10.36
CA ILE D 98 13.92 9.01 11.38
C ILE D 98 13.34 8.51 12.71
N LEU D 99 13.92 7.43 13.23
CA LEU D 99 13.38 6.78 14.44
C LEU D 99 14.03 7.28 15.72
N GLY D 100 13.30 7.33 16.81
CA GLY D 100 13.96 7.45 18.13
C GLY D 100 15.00 6.33 18.25
N GLU D 101 16.18 6.66 18.78
CA GLU D 101 17.29 5.71 18.87
C GLU D 101 16.92 4.40 19.57
N GLN D 102 16.14 4.49 20.64
CA GLN D 102 15.75 3.30 21.41
C GLN D 102 14.72 2.47 20.68
N LEU D 103 13.74 3.13 20.06
CA LEU D 103 12.81 2.45 19.16
C LEU D 103 13.55 1.63 18.07
N ALA D 104 14.54 2.25 17.47
CA ALA D 104 15.33 1.64 16.40
C ALA D 104 16.05 0.39 16.92
N SER D 105 16.65 0.53 18.09
CA SER D 105 17.38 -0.55 18.73
C SER D 105 16.49 -1.73 19.06
N GLN D 106 15.32 -1.44 19.59
CA GLN D 106 14.34 -2.49 19.92
C GLN D 106 13.75 -3.19 18.69
N LEU D 107 13.67 -2.47 17.58
CA LEU D 107 13.30 -3.07 16.31
C LEU D 107 14.46 -3.79 15.63
N GLY D 108 15.68 -3.63 16.13
CA GLY D 108 16.86 -4.18 15.49
C GLY D 108 17.12 -3.64 14.10
N VAL D 109 16.84 -2.35 13.88
CA VAL D 109 17.02 -1.75 12.56
C VAL D 109 18.16 -0.76 12.54
N ASN D 110 18.71 -0.58 11.37
CA ASN D 110 19.72 0.43 11.09
C ASN D 110 19.30 1.14 9.81
N ARG D 111 19.89 2.33 9.61
CA ARG D 111 19.62 3.09 8.42
C ARG D 111 19.95 2.25 7.19
N GLY D 112 19.08 2.34 6.19
CA GLY D 112 19.14 1.46 5.03
C GLY D 112 18.08 0.37 5.11
N ASP D 113 17.59 0.03 6.31
CA ASP D 113 16.56 -1.00 6.42
C ASP D 113 15.18 -0.39 6.17
N GLN D 114 14.22 -1.25 5.94
CA GLN D 114 12.81 -0.86 5.88
C GLN D 114 12.05 -1.35 7.07
N ILE D 115 10.96 -0.66 7.39
CA ILE D 115 10.03 -1.12 8.38
C ILE D 115 8.63 -0.92 7.84
N ARG D 116 7.75 -1.81 8.23
CA ARG D 116 6.34 -1.71 7.89
C ARG D 116 5.68 -0.82 8.93
N VAL D 117 4.93 0.17 8.45
CA VAL D 117 4.26 1.15 9.28
C VAL D 117 2.76 1.03 9.00
N MET D 118 1.98 0.76 10.05
CA MET D 118 0.56 0.37 9.90
C MET D 118 -0.33 1.26 10.76
N VAL D 119 -1.43 1.73 10.19
CA VAL D 119 -2.50 2.41 10.90
C VAL D 119 -3.76 1.64 10.48
N GLY D 120 -4.26 0.80 11.39
CA GLY D 120 -5.32 -0.20 11.08
C GLY D 120 -4.87 -1.04 9.87
N ALA D 121 -5.72 -1.08 8.85
CA ALA D 121 -5.42 -1.85 7.65
C ALA D 121 -4.47 -1.12 6.67
N SER D 122 -4.34 0.20 6.80
CA SER D 122 -3.48 0.96 5.93
C SER D 122 -1.99 0.68 6.27
N GLN D 123 -1.21 0.22 5.29
CA GLN D 123 0.20 -0.08 5.54
C GLN D 123 1.13 0.39 4.45
N ARG D 124 2.33 0.79 4.86
CA ARG D 124 3.37 1.24 3.93
C ARG D 124 4.76 0.90 4.48
N LEU D 125 5.66 0.55 3.58
CA LEU D 125 7.07 0.34 3.96
C LEU D 125 7.77 1.66 3.99
N PHE D 126 8.41 2.01 5.10
CA PHE D 126 9.20 3.24 5.19
C PHE D 126 10.68 2.88 5.25
N ASN D 127 11.53 3.80 4.79
CA ASN D 127 12.98 3.59 4.73
C ASN D 127 13.64 4.29 5.90
N VAL D 128 14.32 3.54 6.74
CA VAL D 128 14.99 4.14 7.88
C VAL D 128 16.25 4.86 7.39
N ILE D 129 16.35 6.17 7.67
CA ILE D 129 17.49 6.98 7.26
C ILE D 129 18.36 7.50 8.41
N GLY D 130 17.89 7.27 9.63
CA GLY D 130 18.68 7.64 10.79
C GLY D 130 17.84 7.68 12.03
N THR D 131 18.41 8.29 13.05
CA THR D 131 17.77 8.38 14.35
C THR D 131 17.92 9.72 14.96
N PHE D 132 17.16 9.96 16.02
CA PHE D 132 17.42 11.04 16.98
C PHE D 132 17.68 10.46 18.34
N ALA D 133 18.39 11.20 19.18
CA ALA D 133 18.72 10.72 20.52
C ALA D 133 18.71 11.92 21.44
N ALA D 134 17.59 12.09 22.12
CA ALA D 134 17.43 13.17 23.10
C ALA D 134 17.65 12.73 24.55
N ASN D 135 17.96 11.45 24.77
CA ASN D 135 17.93 10.84 26.10
C ASN D 135 16.66 11.17 26.90
N SER D 136 15.57 10.94 26.23
CA SER D 136 14.24 11.20 26.73
C SER D 136 13.42 9.98 26.36
N GLU D 137 12.33 9.79 27.08
CA GLU D 137 11.44 8.70 26.79
C GLU D 137 10.96 8.70 25.33
N VAL D 138 10.89 9.86 24.69
CA VAL D 138 10.47 9.88 23.28
C VAL D 138 11.41 9.11 22.32
N ASP D 139 12.66 8.92 22.73
CA ASP D 139 13.60 8.07 21.99
C ASP D 139 13.06 6.65 21.79
N GLY D 140 12.19 6.21 22.70
CA GLY D 140 11.61 4.90 22.67
C GLY D 140 10.33 4.77 21.87
N TYR D 141 9.79 5.86 21.35
CA TYR D 141 8.53 5.73 20.60
C TYR D 141 8.19 6.73 19.50
N GLU D 142 8.75 7.92 19.54
CA GLU D 142 8.47 8.90 18.51
C GLU D 142 9.32 8.64 17.26
N MET D 143 8.76 9.03 16.14
CA MET D 143 9.47 8.99 14.88
C MET D 143 9.05 10.14 14.01
N LEU D 144 9.98 10.61 13.16
CA LEU D 144 9.72 11.73 12.28
C LEU D 144 9.59 11.23 10.85
N VAL D 145 8.51 11.68 10.19
CA VAL D 145 8.26 11.40 8.75
C VAL D 145 7.77 12.66 8.09
N ASN D 146 7.76 12.63 6.76
CA ASN D 146 7.20 13.72 6.01
C ASN D 146 5.68 13.78 6.21
N ILE D 147 5.18 14.98 6.48
CA ILE D 147 3.76 15.17 6.78
C ILE D 147 2.81 14.64 5.67
N GLU D 148 3.21 14.80 4.41
CA GLU D 148 2.37 14.30 3.31
C GLU D 148 2.35 12.80 3.29
N ASP D 149 3.50 12.15 3.50
CA ASP D 149 3.56 10.72 3.62
C ASP D 149 2.68 10.22 4.77
N ALA D 150 2.69 10.92 5.90
CA ALA D 150 1.90 10.52 7.04
C ALA D 150 0.40 10.70 6.71
N SER D 151 0.04 11.79 6.06
CA SER D 151 -1.37 12.03 5.69
C SER D 151 -1.91 10.96 4.74
N ARG D 152 -1.05 10.50 3.84
CA ARG D 152 -1.40 9.43 2.90
C ARG D 152 -1.60 8.11 3.67
N LEU D 153 -0.69 7.80 4.58
CA LEU D 153 -0.87 6.60 5.39
C LEU D 153 -2.16 6.66 6.21
N MET D 154 -2.51 7.83 6.73
CA MET D 154 -3.74 7.99 7.50
C MET D 154 -5.03 8.00 6.63
N ARG D 155 -4.87 7.95 5.32
CA ARG D 155 -5.94 7.99 4.31
C ARG D 155 -6.70 9.31 4.38
N TYR D 156 -6.00 10.42 4.64
CA TYR D 156 -6.63 11.71 4.64
C TYR D 156 -6.80 12.20 3.20
N PRO D 157 -7.85 13.00 2.91
CA PRO D 157 -7.92 13.67 1.62
C PRO D 157 -6.63 14.47 1.36
N ALA D 158 -6.26 14.63 0.11
CA ALA D 158 -5.01 15.29 -0.25
C ALA D 158 -4.97 16.70 0.31
N GLY D 159 -3.84 17.09 0.90
CA GLY D 159 -3.70 18.36 1.57
C GLY D 159 -4.24 18.46 3.01
N ASN D 160 -5.03 17.49 3.46
CA ASN D 160 -5.48 17.52 4.83
C ASN D 160 -4.38 17.04 5.82
N ILE D 161 -4.56 17.43 7.08
CA ILE D 161 -3.62 17.12 8.12
C ILE D 161 -4.39 16.74 9.40
N THR D 162 -3.68 16.23 10.40
CA THR D 162 -4.33 15.94 11.65
C THR D 162 -4.82 17.24 12.30
N GLY D 163 -3.97 18.24 12.30
CA GLY D 163 -4.34 19.50 12.89
C GLY D 163 -3.13 20.40 13.11
N TRP D 164 -3.33 21.39 13.97
CA TRP D 164 -2.35 22.39 14.27
C TRP D 164 -1.74 22.09 15.62
N ARG D 165 -0.48 21.66 15.60
CA ARG D 165 0.28 21.48 16.82
C ARG D 165 0.49 22.83 17.47
N LEU D 166 0.38 22.86 18.79
CA LEU D 166 0.49 24.10 19.56
C LEU D 166 1.62 23.97 20.56
N TRP D 167 2.36 25.07 20.73
CA TRP D 167 3.31 25.20 21.79
C TRP D 167 2.79 26.25 22.74
N LEU D 168 2.97 25.98 24.04
CA LEU D 168 2.30 26.75 25.09
C LEU D 168 3.30 27.42 25.97
N ASP D 169 2.97 28.62 26.43
CA ASP D 169 3.83 29.31 27.38
C ASP D 169 3.87 28.52 28.67
N GLU D 170 2.74 27.95 29.05
CA GLU D 170 2.62 27.23 30.30
C GLU D 170 1.91 25.90 30.01
N PRO D 171 2.67 24.93 29.53
CA PRO D 171 2.07 23.63 29.16
C PRO D 171 1.38 22.88 30.30
N LEU D 172 1.74 23.21 31.56
CA LEU D 172 1.09 22.59 32.71
C LEU D 172 -0.32 23.11 32.95
N LYS D 173 -0.71 24.18 32.26
CA LYS D 173 -2.04 24.78 32.42
C LYS D 173 -2.98 24.42 31.29
N VAL D 174 -2.71 23.32 30.60
CA VAL D 174 -3.61 22.80 29.59
C VAL D 174 -5.08 22.63 30.04
N ASP D 175 -5.32 22.36 31.31
CA ASP D 175 -6.70 22.23 31.80
C ASP D 175 -7.48 23.54 31.60
N SER D 176 -6.91 24.65 32.06
CA SER D 176 -7.50 25.98 31.86
C SER D 176 -7.57 26.37 30.38
N LEU D 177 -6.46 26.17 29.68
CA LEU D 177 -6.34 26.59 28.29
C LEU D 177 -7.33 25.88 27.39
N SER D 178 -7.67 24.63 27.71
CA SER D 178 -8.59 23.84 26.90
C SER D 178 -10.00 24.43 26.86
N GLN D 179 -10.33 25.33 27.81
CA GLN D 179 -11.70 25.85 27.94
C GLN D 179 -11.94 27.13 27.17
N GLN D 180 -10.90 27.70 26.56
CA GLN D 180 -11.03 28.91 25.79
C GLN D 180 -11.84 28.68 24.52
N LYS D 181 -12.26 29.79 23.92
CA LYS D 181 -13.09 29.71 22.73
C LYS D 181 -12.23 29.22 21.58
N LEU D 182 -12.72 28.23 20.86
CA LEU D 182 -11.97 27.65 19.73
C LEU D 182 -12.69 27.94 18.42
N PRO D 183 -11.99 27.89 17.28
CA PRO D 183 -12.68 27.99 15.99
C PRO D 183 -13.81 26.98 15.83
N GLU D 184 -14.86 27.38 15.11
CA GLU D 184 -16.02 26.50 14.89
C GLU D 184 -15.59 25.20 14.21
N GLY D 185 -16.11 24.08 14.68
CA GLY D 185 -15.79 22.78 14.12
C GLY D 185 -14.40 22.24 14.50
N SER D 186 -13.69 22.90 15.42
CA SER D 186 -12.38 22.44 15.84
C SER D 186 -12.49 21.89 17.23
N LYS D 187 -11.49 21.12 17.65
CA LYS D 187 -11.38 20.69 19.03
C LYS D 187 -9.97 20.64 19.54
N TRP D 188 -9.89 20.64 20.86
CA TRP D 188 -8.63 20.72 21.58
C TRP D 188 -8.36 19.36 22.16
N GLN D 189 -7.12 18.89 21.99
CA GLN D 189 -6.63 17.70 22.72
C GLN D 189 -5.23 18.08 23.16
N ASP D 190 -4.80 17.53 24.29
CA ASP D 190 -3.47 17.83 24.80
C ASP D 190 -2.74 16.60 25.34
N TRP D 191 -1.51 16.85 25.79
CA TRP D 191 -0.57 15.82 26.24
C TRP D 191 -1.07 14.94 27.39
N ARG D 192 -2.08 15.39 28.10
CA ARG D 192 -2.72 14.54 29.11
C ARG D 192 -3.31 13.26 28.58
N ASP D 193 -3.66 13.23 27.31
CA ASP D 193 -4.11 12.02 26.62
C ASP D 193 -3.06 10.94 26.61
N ARG D 194 -1.79 11.30 26.66
CA ARG D 194 -0.72 10.30 26.72
C ARG D 194 -0.01 10.20 28.06
N LYS D 195 0.15 11.31 28.78
CA LYS D 195 0.91 11.32 30.03
C LYS D 195 0.05 11.78 31.20
N GLY D 196 -1.18 11.30 31.25
CA GLY D 196 -2.13 11.69 32.29
C GLY D 196 -1.62 11.49 33.71
N GLU D 197 -0.90 10.40 33.94
CA GLU D 197 -0.36 10.11 35.25
C GLU D 197 0.65 11.14 35.72
N LEU D 198 1.43 11.70 34.78
CA LEU D 198 2.37 12.74 35.18
C LEU D 198 1.62 14.04 35.48
N PHE D 199 0.57 14.33 34.73
CA PHE D 199 -0.32 15.46 35.04
C PHE D 199 -0.88 15.32 36.42
N GLN D 200 -1.47 14.17 36.76
CA GLN D 200 -2.02 13.95 38.10
C GLN D 200 -0.94 14.11 39.17
N ALA D 201 0.28 13.71 38.88
CA ALA D 201 1.40 13.90 39.85
C ALA D 201 1.75 15.35 40.07
N VAL D 202 1.71 16.17 39.01
CA VAL D 202 1.90 17.61 39.15
C VAL D 202 0.86 18.16 40.12
N ARG D 203 -0.40 17.77 39.94
CA ARG D 203 -1.46 18.26 40.81
C ARG D 203 -1.23 17.78 42.26
N MET D 204 -0.89 16.51 42.44
CA MET D 204 -0.60 15.96 43.76
C MET D 204 0.54 16.72 44.47
N GLU D 205 1.64 17.04 43.78
CA GLU D 205 2.77 17.74 44.39
C GLU D 205 2.45 19.16 44.74
N LYS D 206 1.66 19.86 43.92
CA LYS D 206 1.11 21.17 44.31
C LYS D 206 0.35 21.10 45.64
N ASN D 207 -0.61 20.18 45.74
CA ASN D 207 -1.34 19.92 46.97
C ASN D 207 -0.41 19.60 48.17
N MET D 208 0.62 18.75 47.96
CA MET D 208 1.63 18.44 48.99
C MET D 208 2.41 19.66 49.48
N ALA D 209 2.82 20.48 48.54
CA ALA D 209 3.67 21.63 48.78
C ALA D 209 2.96 22.85 49.38
N ALA D 210 1.62 22.85 49.38
CA ALA D 210 0.79 24.01 49.72
C ALA D 210 1.05 24.53 51.09
N ALA D 211 1.29 23.64 52.05
CA ALA D 211 1.66 24.05 53.39
C ALA D 211 3.08 24.67 53.46
N LEU D 212 3.94 24.47 52.48
CA LEU D 212 5.35 24.86 52.56
C LEU D 212 5.65 26.15 51.76
#